data_2ZKM
#
_entry.id   2ZKM
#
_cell.length_a   80.404
_cell.length_b   86.379
_cell.length_c   147.447
_cell.angle_alpha   90.000
_cell.angle_beta   90.000
_cell.angle_gamma   90.000
#
_symmetry.space_group_name_H-M   'P 21 21 21'
#
loop_
_entity.id
_entity.type
_entity.pdbx_description
1 polymer '1-phosphatidylinositol-4,5-bisphosphate phosphodiesterase beta-2'
2 non-polymer 'CALCIUM ION'
3 water water
#
_entity_poly.entity_id   1
_entity_poly.type   'polypeptide(L)'
_entity_poly.pdbx_seq_one_letter_code
;MSLLNPVLLPPKVKAYLSQGERFIKWDDETTVASPVILRVDPKGYYLYWTYQSKEMEFLDITSIRDTRFGKFAKMPKSQK
LRDVFNMDFPDNSFLLKTLTVVSGPDMVDLTFHNFVSYKENVGKAWAEDVLALVKHPLTANASRSTFLDKILVKLKMQLN
SEGKIPVKNFFQMFPADRKRVEAALSACHLPKGKNDAINPEDFPEPVYKSFLMSLCPRPEIDEIFTSYHAKAKPYMTKEH
LTKFINQKQRDSRLNSLLFPPARPDQVQGLIDKYEPSGINAQRGQLSPEGMVWFLCGPENSVLAQDKLLLHHDMTQPLNH
YFINSSHNTYLTAGQFSGLSSAEMYRQVLLSGCRCVELDCWKGKPPDEEPIITHGFTMTTDIFFKEAIEAIAESAFKTSP
YPIILSFENHVDSPRQQAKMAEYCRTIFGDMLLTEPLEKFPLKPGVPLPSPEDLRGKILIKNKKNQFSGPTSSSKDTGGE
AEGSSPPSAPAVWAGEEGTELEEEEVEEEEEEESGNLDEEEIKKMQSDEGTAGLEVTAYEEMSSLVNYIQPTKFVSFEFS
AQKNRSYVISSFTELKAYDLLSKASVQFVDYNKRQMSRIYPKGTRMDSSNYMPQMFWNAGCQMVALNFQTMDLPMQQNMA
VFEFNGQSGYLLKHEFMRRPDKQFNPFSVDRIDVVVATTLSITVISGQFLSERSVRTYVEVELFGLPGDPKRRYRTKLSP
STNSINPVWKEEPFVFEKILMPELASLRVAVMEEGNKFLGHRIIPINALNSGYHHLCLHSESNMPLTMPALFIFLEMKD
;
_entity_poly.pdbx_strand_id   X
#
# COMPACT_ATOMS: atom_id res chain seq x y z
N PRO A 11 7.10 -2.89 -17.69
CA PRO A 11 6.03 -3.85 -18.02
C PRO A 11 5.20 -3.35 -19.20
N LYS A 12 5.55 -3.80 -20.40
CA LYS A 12 4.95 -3.32 -21.65
C LYS A 12 3.46 -3.58 -21.73
N VAL A 13 2.73 -2.59 -22.26
CA VAL A 13 1.30 -2.73 -22.51
C VAL A 13 1.11 -3.58 -23.76
N LYS A 14 0.38 -4.69 -23.60
CA LYS A 14 0.07 -5.58 -24.70
C LYS A 14 -0.75 -4.85 -25.76
N ALA A 15 -0.49 -5.15 -27.03
CA ALA A 15 -1.09 -4.44 -28.16
C ALA A 15 -2.62 -4.43 -28.16
N TYR A 16 -3.24 -5.54 -27.76
CA TYR A 16 -4.69 -5.65 -27.75
C TYR A 16 -5.36 -4.66 -26.79
N LEU A 17 -4.64 -4.31 -25.72
CA LEU A 17 -5.15 -3.35 -24.74
C LEU A 17 -5.24 -1.95 -25.32
N SER A 18 -4.23 -1.58 -26.12
CA SER A 18 -4.19 -0.27 -26.75
C SER A 18 -5.09 -0.21 -27.99
N GLN A 19 -5.25 -1.35 -28.66
CA GLN A 19 -6.16 -1.47 -29.79
C GLN A 19 -7.62 -1.35 -29.34
N GLY A 20 -7.93 -1.97 -28.20
CA GLY A 20 -9.23 -1.79 -27.57
C GLY A 20 -10.21 -2.94 -27.79
N GLU A 21 -11.26 -2.93 -26.98
CA GLU A 21 -12.31 -3.95 -27.04
C GLU A 21 -13.67 -3.31 -26.74
N ARG A 22 -14.73 -3.87 -27.33
CA ARG A 22 -16.07 -3.34 -27.19
C ARG A 22 -16.75 -3.86 -25.92
N PHE A 23 -17.29 -2.94 -25.13
CA PHE A 23 -18.02 -3.27 -23.91
C PHE A 23 -19.27 -2.42 -23.80
N ILE A 24 -20.19 -2.82 -22.93
CA ILE A 24 -21.26 -1.95 -22.47
C ILE A 24 -20.98 -1.60 -21.01
N LYS A 25 -20.79 -0.30 -20.74
CA LYS A 25 -20.57 0.17 -19.38
C LYS A 25 -21.90 0.51 -18.73
N TRP A 26 -22.12 0.03 -17.51
CA TRP A 26 -23.40 0.21 -16.82
C TRP A 26 -23.25 0.70 -15.38
N ASP A 27 -24.28 1.40 -14.92
CA ASP A 27 -24.33 1.96 -13.58
C ASP A 27 -25.70 1.64 -12.98
N ASP A 28 -25.71 1.05 -11.78
CA ASP A 28 -26.95 0.70 -11.09
C ASP A 28 -27.77 1.91 -10.63
N GLU A 29 -27.07 2.95 -10.17
CA GLU A 29 -27.72 4.14 -9.63
C GLU A 29 -28.42 4.99 -10.70
N THR A 30 -27.96 4.90 -11.94
CA THR A 30 -28.56 5.65 -13.05
C THR A 30 -29.33 4.75 -14.03
N THR A 31 -29.09 3.43 -13.92
CA THR A 31 -29.66 2.41 -14.83
C THR A 31 -29.28 2.62 -16.30
N VAL A 32 -28.25 3.44 -16.53
CA VAL A 32 -27.78 3.75 -17.88
C VAL A 32 -26.74 2.73 -18.31
N ALA A 33 -26.96 2.16 -19.49
CA ALA A 33 -26.02 1.21 -20.11
C ALA A 33 -25.56 1.76 -21.46
N SER A 34 -24.26 2.06 -21.56
CA SER A 34 -23.70 2.72 -22.73
C SER A 34 -22.57 1.93 -23.39
N PRO A 35 -22.65 1.71 -24.72
CA PRO A 35 -21.56 1.08 -25.46
C PRO A 35 -20.28 1.91 -25.43
N VAL A 36 -19.15 1.25 -25.19
CA VAL A 36 -17.85 1.89 -25.15
C VAL A 36 -16.77 1.04 -25.81
N ILE A 37 -15.69 1.69 -26.23
CA ILE A 37 -14.46 0.98 -26.54
C ILE A 37 -13.50 1.24 -25.38
N LEU A 38 -13.03 0.16 -24.75
CA LEU A 38 -12.13 0.25 -23.61
C LEU A 38 -10.70 0.08 -24.05
N ARG A 39 -9.81 0.94 -23.56
CA ARG A 39 -8.41 0.92 -23.95
C ARG A 39 -7.48 1.22 -22.78
N VAL A 40 -6.24 0.76 -22.90
CA VAL A 40 -5.12 1.25 -22.08
C VAL A 40 -4.17 1.91 -23.07
N ASP A 41 -3.73 3.14 -22.77
CA ASP A 41 -2.78 3.82 -23.66
C ASP A 41 -1.45 3.06 -23.71
N PRO A 42 -0.68 3.19 -24.82
CA PRO A 42 0.55 2.41 -25.00
C PRO A 42 1.60 2.57 -23.90
N LYS A 43 1.55 3.67 -23.15
CA LYS A 43 2.50 3.91 -22.06
C LYS A 43 2.01 3.34 -20.72
N GLY A 44 0.74 2.94 -20.69
CA GLY A 44 0.15 2.32 -19.50
C GLY A 44 -0.18 3.28 -18.39
N TYR A 45 -0.52 4.52 -18.76
CA TYR A 45 -0.87 5.54 -17.76
C TYR A 45 -2.34 5.50 -17.38
N TYR A 46 -3.20 5.23 -18.37
CA TYR A 46 -4.64 5.32 -18.20
C TYR A 46 -5.38 4.14 -18.78
N LEU A 47 -6.37 3.68 -18.03
CA LEU A 47 -7.45 2.90 -18.58
C LEU A 47 -8.51 3.92 -18.98
N TYR A 48 -8.93 3.90 -20.24
CA TYR A 48 -9.91 4.89 -20.69
C TYR A 48 -10.96 4.28 -21.62
N TRP A 49 -12.15 4.85 -21.58
CA TRP A 49 -13.24 4.38 -22.43
C TRP A 49 -13.82 5.52 -23.26
N THR A 50 -14.19 5.19 -24.50
CA THR A 50 -14.72 6.15 -25.45
C THR A 50 -16.15 5.79 -25.82
N TYR A 51 -17.06 6.73 -25.62
CA TYR A 51 -18.47 6.55 -25.95
C TYR A 51 -18.72 6.78 -27.44
N GLN A 52 -19.90 6.39 -27.91
CA GLN A 52 -20.27 6.53 -29.32
C GLN A 52 -20.31 7.99 -29.77
N SER A 53 -20.67 8.88 -28.85
CA SER A 53 -20.70 10.32 -29.10
C SER A 53 -19.31 10.97 -28.99
N LYS A 54 -18.28 10.12 -28.93
CA LYS A 54 -16.86 10.52 -28.96
C LYS A 54 -16.25 10.95 -27.62
N GLU A 55 -17.08 11.19 -26.61
CA GLU A 55 -16.60 11.59 -25.29
C GLU A 55 -15.78 10.49 -24.65
N MET A 56 -14.79 10.88 -23.85
CA MET A 56 -13.92 9.92 -23.16
C MET A 56 -13.92 10.15 -21.66
N GLU A 57 -13.75 9.06 -20.92
CA GLU A 57 -13.50 9.13 -19.48
C GLU A 57 -12.23 8.37 -19.17
N PHE A 58 -11.45 8.90 -18.23
CA PHE A 58 -10.13 8.37 -17.93
C PHE A 58 -10.03 7.89 -16.50
N LEU A 59 -9.27 6.82 -16.30
CA LEU A 59 -8.96 6.32 -14.97
C LEU A 59 -7.47 6.03 -14.88
N ASP A 60 -6.79 6.65 -13.91
CA ASP A 60 -5.37 6.39 -13.71
C ASP A 60 -5.15 4.91 -13.42
N ILE A 61 -4.23 4.30 -14.14
CA ILE A 61 -3.82 2.92 -13.86
C ILE A 61 -3.40 2.76 -12.39
N THR A 62 -2.70 3.77 -11.87
CA THR A 62 -2.24 3.76 -10.47
C THR A 62 -3.38 3.85 -9.45
N SER A 63 -4.58 4.21 -9.90
CA SER A 63 -5.76 4.31 -9.03
C SER A 63 -6.52 2.99 -8.90
N ILE A 64 -6.15 2.02 -9.72
CA ILE A 64 -6.85 0.73 -9.76
C ILE A 64 -6.40 -0.15 -8.60
N ARG A 65 -7.38 -0.76 -7.91
CA ARG A 65 -7.13 -1.59 -6.74
C ARG A 65 -7.33 -3.06 -7.01
N ASP A 66 -8.21 -3.37 -7.97
CA ASP A 66 -8.52 -4.75 -8.31
C ASP A 66 -9.23 -4.81 -9.64
N THR A 67 -9.21 -5.99 -10.25
CA THR A 67 -10.02 -6.27 -11.42
C THR A 67 -10.68 -7.62 -11.18
N ARG A 68 -11.90 -7.78 -11.70
CA ARG A 68 -12.69 -8.98 -11.42
C ARG A 68 -13.45 -9.40 -12.68
N PHE A 69 -13.49 -10.70 -12.91
CA PHE A 69 -14.13 -11.28 -14.10
C PHE A 69 -15.15 -12.33 -13.70
N GLY A 70 -16.18 -12.49 -14.53
CA GLY A 70 -17.14 -13.58 -14.35
C GLY A 70 -17.98 -13.45 -13.09
N LYS A 71 -18.04 -14.53 -12.33
CA LYS A 71 -18.85 -14.58 -11.12
C LYS A 71 -18.37 -13.61 -10.03
N PHE A 72 -17.12 -13.15 -10.16
CA PHE A 72 -16.53 -12.24 -9.18
C PHE A 72 -16.79 -10.78 -9.49
N ALA A 73 -17.29 -10.50 -10.70
CA ALA A 73 -17.63 -9.14 -11.08
C ALA A 73 -18.91 -8.66 -10.40
N LYS A 74 -19.14 -7.35 -10.40
CA LYS A 74 -20.39 -6.80 -9.90
C LYS A 74 -21.55 -7.19 -10.80
N MET A 75 -22.70 -7.46 -10.18
CA MET A 75 -23.89 -7.87 -10.90
C MET A 75 -24.95 -6.78 -10.90
N PRO A 76 -25.57 -6.51 -12.07
CA PRO A 76 -26.67 -5.55 -12.18
C PRO A 76 -27.85 -5.96 -11.30
N LYS A 77 -28.28 -5.06 -10.43
CA LYS A 77 -29.35 -5.34 -9.47
C LYS A 77 -30.71 -4.82 -9.92
N SER A 78 -30.71 -3.71 -10.65
CA SER A 78 -31.96 -3.13 -11.16
C SER A 78 -32.58 -4.01 -12.24
N GLN A 79 -33.92 -4.05 -12.25
CA GLN A 79 -34.67 -4.82 -13.23
C GLN A 79 -34.45 -4.30 -14.65
N LYS A 80 -34.27 -2.98 -14.76
CA LYS A 80 -34.01 -2.31 -16.04
C LYS A 80 -32.77 -2.89 -16.74
N LEU A 81 -31.70 -3.06 -15.97
CA LEU A 81 -30.43 -3.56 -16.52
C LEU A 81 -30.40 -5.08 -16.69
N ARG A 82 -31.14 -5.79 -15.83
CA ARG A 82 -31.26 -7.25 -15.94
C ARG A 82 -31.93 -7.68 -17.23
N ASP A 83 -32.89 -6.87 -17.69
CA ASP A 83 -33.60 -7.11 -18.95
C ASP A 83 -32.70 -6.90 -20.16
N VAL A 84 -31.88 -5.85 -20.11
CA VAL A 84 -30.94 -5.51 -21.18
C VAL A 84 -29.90 -6.62 -21.40
N PHE A 85 -29.41 -7.18 -20.31
CA PHE A 85 -28.35 -8.19 -20.37
C PHE A 85 -28.85 -9.64 -20.35
N ASN A 86 -30.17 -9.82 -20.45
CA ASN A 86 -30.82 -11.14 -20.48
C ASN A 86 -30.41 -12.04 -19.30
N MET A 87 -30.50 -11.49 -18.09
CA MET A 87 -30.05 -12.20 -16.88
C MET A 87 -31.08 -13.19 -16.34
N ASP A 88 -32.32 -13.07 -16.81
CA ASP A 88 -33.38 -14.01 -16.44
C ASP A 88 -33.61 -15.01 -17.58
N PHE A 89 -32.55 -15.73 -17.94
CA PHE A 89 -32.60 -16.71 -19.02
C PHE A 89 -31.80 -17.96 -18.70
N PRO A 90 -32.25 -19.12 -19.23
CA PRO A 90 -31.60 -20.41 -19.10
C PRO A 90 -30.39 -20.50 -20.03
N ASP A 91 -29.27 -20.98 -19.49
CA ASP A 91 -28.01 -21.12 -20.23
C ASP A 91 -27.54 -19.84 -20.94
N ASN A 92 -27.70 -18.70 -20.27
CA ASN A 92 -27.17 -17.44 -20.78
C ASN A 92 -25.66 -17.37 -20.61
N SER A 93 -25.00 -16.49 -21.38
CA SER A 93 -23.54 -16.39 -21.36
C SER A 93 -23.06 -15.13 -20.65
N PHE A 94 -23.87 -14.61 -19.74
CA PHE A 94 -23.59 -13.34 -19.05
C PHE A 94 -22.29 -13.38 -18.25
N LEU A 95 -22.04 -14.50 -17.56
CA LEU A 95 -20.85 -14.65 -16.73
C LEU A 95 -19.54 -14.79 -17.52
N LEU A 96 -19.67 -14.96 -18.84
CA LEU A 96 -18.50 -14.99 -19.73
C LEU A 96 -18.19 -13.59 -20.27
N LYS A 97 -18.98 -12.61 -19.86
CA LYS A 97 -18.91 -11.25 -20.41
C LYS A 97 -18.64 -10.15 -19.38
N THR A 98 -18.67 -10.50 -18.10
CA THR A 98 -18.62 -9.49 -17.03
C THR A 98 -17.20 -9.11 -16.60
N LEU A 99 -16.98 -7.80 -16.48
CA LEU A 99 -15.69 -7.27 -16.02
C LEU A 99 -15.95 -6.11 -15.08
N THR A 100 -15.26 -6.12 -13.94
CA THR A 100 -15.31 -5.01 -13.00
C THR A 100 -13.89 -4.52 -12.73
N VAL A 101 -13.73 -3.19 -12.75
CA VAL A 101 -12.48 -2.57 -12.36
C VAL A 101 -12.78 -1.78 -11.09
N VAL A 102 -12.03 -2.08 -10.03
CA VAL A 102 -12.23 -1.42 -8.74
C VAL A 102 -11.13 -0.38 -8.56
N SER A 103 -11.52 0.84 -8.24
CA SER A 103 -10.56 1.93 -8.03
C SER A 103 -10.85 2.67 -6.73
N GLY A 104 -9.85 3.38 -6.23
CA GLY A 104 -10.09 4.22 -5.05
C GLY A 104 -8.81 4.60 -4.34
N PRO A 105 -8.86 5.70 -3.56
CA PRO A 105 -7.70 6.25 -2.88
C PRO A 105 -7.29 5.48 -1.61
N ASP A 106 -8.14 4.57 -1.15
CA ASP A 106 -7.82 3.74 0.02
C ASP A 106 -8.68 2.48 0.00
N MET A 107 -8.71 1.77 1.12
CA MET A 107 -9.39 0.47 1.21
C MET A 107 -10.92 0.59 1.22
N VAL A 108 -11.43 1.77 1.58
CA VAL A 108 -12.86 1.93 1.87
C VAL A 108 -13.62 2.72 0.80
N ASP A 109 -12.99 3.79 0.29
CA ASP A 109 -13.65 4.66 -0.68
C ASP A 109 -13.51 4.10 -2.09
N LEU A 110 -14.32 3.08 -2.37
CA LEU A 110 -14.20 2.34 -3.62
C LEU A 110 -15.22 2.74 -4.67
N THR A 111 -14.77 2.74 -5.92
CA THR A 111 -15.64 2.90 -7.07
C THR A 111 -15.55 1.64 -7.94
N PHE A 112 -16.70 1.17 -8.40
CA PHE A 112 -16.77 0.01 -9.26
C PHE A 112 -17.16 0.43 -10.67
N HIS A 113 -16.24 0.19 -11.61
CA HIS A 113 -16.47 0.47 -13.02
C HIS A 113 -16.83 -0.84 -13.69
N ASN A 114 -18.07 -0.91 -14.17
CA ASN A 114 -18.63 -2.19 -14.59
C ASN A 114 -18.85 -2.28 -16.10
N PHE A 115 -18.33 -3.36 -16.70
CA PHE A 115 -18.36 -3.55 -18.14
C PHE A 115 -18.89 -4.92 -18.52
N VAL A 116 -19.67 -4.99 -19.60
CA VAL A 116 -20.12 -6.27 -20.14
C VAL A 116 -19.66 -6.33 -21.59
N SER A 117 -18.82 -7.31 -21.91
CA SER A 117 -18.26 -7.44 -23.26
C SER A 117 -19.28 -7.99 -24.24
N TYR A 118 -19.11 -7.64 -25.51
CA TYR A 118 -19.91 -8.22 -26.58
C TYR A 118 -19.42 -9.64 -26.88
N LYS A 119 -18.11 -9.81 -26.92
CA LYS A 119 -17.48 -11.12 -27.14
C LYS A 119 -17.37 -11.89 -25.84
N GLU A 120 -17.49 -13.22 -25.92
CA GLU A 120 -17.32 -14.08 -24.76
C GLU A 120 -15.84 -14.26 -24.40
N ASN A 121 -15.57 -14.38 -23.10
CA ASN A 121 -14.25 -14.77 -22.55
C ASN A 121 -13.14 -13.71 -22.52
N VAL A 122 -13.31 -12.61 -23.26
CA VAL A 122 -12.26 -11.59 -23.39
C VAL A 122 -11.92 -10.86 -22.08
N GLY A 123 -12.91 -10.77 -21.19
CA GLY A 123 -12.76 -10.07 -19.91
C GLY A 123 -11.73 -10.67 -18.97
N LYS A 124 -11.49 -11.98 -19.09
CA LYS A 124 -10.50 -12.68 -18.28
C LYS A 124 -9.09 -12.11 -18.51
N ALA A 125 -8.71 -12.00 -19.78
CA ALA A 125 -7.42 -11.44 -20.16
C ALA A 125 -7.30 -9.98 -19.76
N TRP A 126 -8.37 -9.21 -19.94
CA TRP A 126 -8.41 -7.80 -19.55
C TRP A 126 -8.19 -7.63 -18.06
N ALA A 127 -8.88 -8.44 -17.26
CA ALA A 127 -8.73 -8.39 -15.80
C ALA A 127 -7.29 -8.71 -15.38
N GLU A 128 -6.76 -9.80 -15.91
CA GLU A 128 -5.43 -10.28 -15.55
C GLU A 128 -4.32 -9.33 -15.98
N ASP A 129 -4.38 -8.87 -17.24
CA ASP A 129 -3.33 -8.01 -17.78
C ASP A 129 -3.34 -6.60 -17.19
N VAL A 130 -4.53 -6.04 -16.97
CA VAL A 130 -4.64 -4.73 -16.34
C VAL A 130 -4.10 -4.76 -14.92
N LEU A 131 -4.49 -5.77 -14.14
CA LEU A 131 -4.00 -5.87 -12.75
C LEU A 131 -2.48 -6.07 -12.70
N ALA A 132 -1.94 -6.84 -13.63
CA ALA A 132 -0.50 -7.06 -13.72
C ALA A 132 0.27 -5.75 -13.92
N LEU A 133 -0.30 -4.86 -14.73
CA LEU A 133 0.28 -3.55 -14.96
C LEU A 133 0.22 -2.67 -13.71
N VAL A 134 -0.93 -2.70 -13.05
CA VAL A 134 -1.16 -1.91 -11.83
C VAL A 134 -0.25 -2.35 -10.69
N LYS A 135 -0.10 -3.67 -10.55
CA LYS A 135 0.54 -4.24 -9.37
C LYS A 135 2.05 -4.43 -9.46
N HIS A 136 2.62 -4.21 -10.64
CA HIS A 136 4.07 -4.33 -10.77
C HIS A 136 4.74 -3.32 -9.83
N PRO A 137 5.66 -3.82 -8.96
CA PRO A 137 6.29 -2.98 -7.94
C PRO A 137 6.90 -1.70 -8.48
N LEU A 138 7.19 -1.66 -9.78
CA LEU A 138 7.86 -0.52 -10.40
C LEU A 138 6.93 0.55 -10.97
N THR A 139 5.67 0.18 -11.25
CA THR A 139 4.67 1.08 -11.83
C THR A 139 4.47 2.37 -11.01
N ALA A 140 4.35 2.20 -9.69
CA ALA A 140 4.18 3.34 -8.79
C ALA A 140 5.50 4.08 -8.54
N ASN A 141 6.61 3.46 -8.91
CA ASN A 141 7.93 3.98 -8.56
C ASN A 141 8.73 4.56 -9.70
N ALA A 142 8.01 4.97 -10.75
CA ALA A 142 8.62 5.62 -11.90
C ALA A 142 9.29 6.94 -11.52
N SER A 143 10.15 7.43 -12.41
CA SER A 143 10.85 8.70 -12.19
C SER A 143 9.89 9.88 -12.25
N ARG A 144 10.33 11.02 -11.72
CA ARG A 144 9.59 12.27 -11.84
C ARG A 144 9.20 12.56 -13.30
N SER A 145 10.12 12.30 -14.23
CA SER A 145 9.85 12.53 -15.65
C SER A 145 8.64 11.78 -16.17
N THR A 146 8.43 10.55 -15.67
CA THR A 146 7.30 9.73 -16.07
C THR A 146 5.99 10.30 -15.55
N PHE A 147 5.99 10.79 -14.31
CA PHE A 147 4.79 11.43 -13.78
C PHE A 147 4.45 12.72 -14.52
N LEU A 148 5.49 13.48 -14.87
CA LEU A 148 5.31 14.67 -15.70
C LEU A 148 4.77 14.31 -17.09
N ASP A 149 5.22 13.17 -17.62
CA ASP A 149 4.74 12.68 -18.91
C ASP A 149 3.28 12.24 -18.86
N LYS A 150 2.88 11.68 -17.72
CA LYS A 150 1.50 11.29 -17.46
C LYS A 150 0.56 12.50 -17.60
N ILE A 151 1.03 13.66 -17.14
CA ILE A 151 0.30 14.92 -17.28
C ILE A 151 0.15 15.28 -18.76
N LEU A 152 1.26 15.23 -19.49
CA LEU A 152 1.26 15.57 -20.92
C LEU A 152 0.30 14.69 -21.71
N VAL A 153 0.35 13.39 -21.46
CA VAL A 153 -0.50 12.43 -22.15
C VAL A 153 -1.98 12.75 -21.91
N LYS A 154 -2.34 13.06 -20.66
CA LYS A 154 -3.70 13.45 -20.33
C LYS A 154 -4.15 14.69 -21.12
N LEU A 155 -3.30 15.72 -21.11
CA LEU A 155 -3.59 16.96 -21.83
C LEU A 155 -3.82 16.72 -23.32
N LYS A 156 -3.04 15.82 -23.90
CA LYS A 156 -3.08 15.56 -25.34
C LYS A 156 -4.18 14.58 -25.77
N MET A 157 -4.74 13.84 -24.83
CA MET A 157 -5.79 12.87 -25.13
C MET A 157 -7.20 13.40 -24.87
N GLN A 158 -7.31 14.35 -23.95
CA GLN A 158 -8.59 14.94 -23.57
C GLN A 158 -8.89 16.13 -24.47
N LEU A 159 -9.37 15.84 -25.66
CA LEU A 159 -9.56 16.86 -26.71
C LEU A 159 -11.01 17.27 -26.90
N ASN A 160 -11.21 18.46 -27.47
CA ASN A 160 -12.56 18.93 -27.80
C ASN A 160 -13.06 18.36 -29.13
N SER A 161 -14.21 18.85 -29.59
CA SER A 161 -14.86 18.38 -30.82
C SER A 161 -13.99 18.53 -32.07
N GLU A 162 -13.09 19.52 -32.05
CA GLU A 162 -12.23 19.82 -33.18
C GLU A 162 -10.86 19.14 -33.09
N GLY A 163 -10.67 18.31 -32.07
CA GLY A 163 -9.42 17.60 -31.85
C GLY A 163 -8.32 18.47 -31.27
N LYS A 164 -8.70 19.53 -30.57
CA LYS A 164 -7.75 20.48 -29.98
C LYS A 164 -7.79 20.42 -28.45
N ILE A 165 -6.74 20.92 -27.82
CA ILE A 165 -6.65 21.00 -26.36
C ILE A 165 -7.19 22.34 -25.88
N PRO A 166 -8.32 22.33 -25.15
CA PRO A 166 -8.83 23.60 -24.63
C PRO A 166 -7.83 24.23 -23.65
N VAL A 167 -7.63 25.55 -23.75
CA VAL A 167 -6.79 26.27 -22.81
C VAL A 167 -7.26 26.06 -21.36
N LYS A 168 -8.58 25.96 -21.17
CA LYS A 168 -9.16 25.71 -19.84
C LYS A 168 -8.66 24.42 -19.21
N ASN A 169 -8.30 23.44 -20.03
CA ASN A 169 -7.72 22.19 -19.54
C ASN A 169 -6.34 22.39 -18.91
N PHE A 170 -5.59 23.38 -19.40
CA PHE A 170 -4.33 23.76 -18.76
C PHE A 170 -4.58 24.37 -17.38
N PHE A 171 -5.61 25.21 -17.28
CA PHE A 171 -5.97 25.85 -16.02
C PHE A 171 -6.44 24.81 -14.99
N GLN A 172 -7.16 23.80 -15.46
CA GLN A 172 -7.63 22.72 -14.60
C GLN A 172 -6.48 21.82 -14.14
N MET A 173 -5.53 21.57 -15.03
CA MET A 173 -4.38 20.71 -14.72
C MET A 173 -3.42 21.38 -13.74
N PHE A 174 -3.23 22.69 -13.90
CA PHE A 174 -2.34 23.47 -13.05
C PHE A 174 -3.14 24.60 -12.41
N PRO A 175 -3.96 24.27 -11.39
CA PRO A 175 -4.95 25.22 -10.88
C PRO A 175 -4.48 26.29 -9.89
N ALA A 176 -3.27 26.18 -9.37
CA ALA A 176 -2.82 27.08 -8.31
C ALA A 176 -2.73 28.57 -8.70
N ASP A 177 -2.21 28.86 -9.89
CA ASP A 177 -1.99 30.24 -10.32
C ASP A 177 -2.24 30.41 -11.82
N ARG A 178 -3.43 30.92 -12.15
CA ARG A 178 -3.83 31.07 -13.56
C ARG A 178 -2.92 32.01 -14.36
N LYS A 179 -2.54 33.13 -13.74
CA LYS A 179 -1.70 34.13 -14.41
C LYS A 179 -0.36 33.53 -14.85
N ARG A 180 0.21 32.67 -14.01
CA ARG A 180 1.47 32.01 -14.33
C ARG A 180 1.32 30.98 -15.45
N VAL A 181 0.19 30.30 -15.47
CA VAL A 181 -0.11 29.34 -16.55
C VAL A 181 -0.26 30.09 -17.88
N GLU A 182 -1.03 31.19 -17.84
CA GLU A 182 -1.19 32.06 -19.02
C GLU A 182 0.16 32.54 -19.54
N ALA A 183 1.02 32.99 -18.63
CA ALA A 183 2.35 33.48 -19.01
C ALA A 183 3.21 32.39 -19.64
N ALA A 184 3.08 31.16 -19.13
CA ALA A 184 3.86 30.04 -19.66
C ALA A 184 3.38 29.61 -21.04
N LEU A 185 2.08 29.69 -21.27
CA LEU A 185 1.52 29.43 -22.60
C LEU A 185 2.03 30.50 -23.56
N SER A 186 1.92 31.76 -23.15
CA SER A 186 2.41 32.88 -23.97
C SER A 186 3.90 32.77 -24.29
N ALA A 187 4.69 32.29 -23.32
CA ALA A 187 6.14 32.11 -23.51
C ALA A 187 6.47 31.04 -24.54
N CYS A 188 5.51 30.15 -24.82
CA CYS A 188 5.66 29.07 -25.79
C CYS A 188 5.00 29.41 -27.13
N HIS A 189 4.59 30.66 -27.29
CA HIS A 189 3.83 31.13 -28.46
C HIS A 189 2.54 30.32 -28.67
N LEU A 190 1.88 30.02 -27.56
CA LEU A 190 0.59 29.34 -27.57
C LEU A 190 -0.49 30.31 -27.09
N PRO A 191 -1.74 30.12 -27.53
CA PRO A 191 -2.81 30.98 -27.07
C PRO A 191 -3.08 30.78 -25.57
N LYS A 192 -3.51 31.85 -24.91
CA LYS A 192 -3.77 31.83 -23.45
C LYS A 192 -5.20 32.28 -23.13
N GLY A 193 -5.98 32.55 -24.17
CA GLY A 193 -7.37 32.97 -23.99
C GLY A 193 -8.20 31.89 -23.34
N LYS A 194 -9.06 32.30 -22.41
CA LYS A 194 -9.92 31.40 -21.65
C LYS A 194 -10.68 30.42 -22.55
N ASN A 195 -11.12 30.91 -23.71
CA ASN A 195 -11.90 30.10 -24.63
C ASN A 195 -11.15 29.68 -25.90
N ASP A 196 -9.82 29.74 -25.83
CA ASP A 196 -8.96 29.30 -26.91
C ASP A 196 -8.65 27.80 -26.82
N ALA A 197 -8.13 27.24 -27.91
CA ALA A 197 -7.73 25.85 -27.97
C ALA A 197 -6.41 25.70 -28.74
N ILE A 198 -5.70 24.61 -28.45
CA ILE A 198 -4.35 24.39 -28.97
C ILE A 198 -4.26 23.09 -29.76
N ASN A 199 -3.65 23.14 -30.94
CA ASN A 199 -3.35 21.94 -31.70
C ASN A 199 -2.38 21.05 -30.91
N PRO A 200 -2.75 19.77 -30.68
CA PRO A 200 -1.83 18.88 -29.97
C PRO A 200 -0.47 18.72 -30.67
N GLU A 201 -0.46 18.92 -31.99
CA GLU A 201 0.79 18.90 -32.77
C GLU A 201 1.75 20.02 -32.37
N ASP A 202 1.22 21.09 -31.79
CA ASP A 202 2.02 22.22 -31.32
C ASP A 202 2.47 22.04 -29.88
N PHE A 203 2.14 20.88 -29.29
CA PHE A 203 2.53 20.61 -27.92
C PHE A 203 3.24 19.26 -27.76
N PRO A 204 4.34 19.06 -28.52
CA PRO A 204 5.15 17.88 -28.31
C PRO A 204 6.00 18.02 -27.04
N GLU A 205 6.68 16.94 -26.66
CA GLU A 205 7.49 16.92 -25.44
C GLU A 205 8.43 18.13 -25.23
N PRO A 206 9.23 18.51 -26.25
CA PRO A 206 10.10 19.68 -26.03
C PRO A 206 9.37 21.00 -25.73
N VAL A 207 8.19 21.19 -26.31
CA VAL A 207 7.39 22.38 -26.05
C VAL A 207 6.79 22.29 -24.64
N TYR A 208 6.31 21.11 -24.26
CA TYR A 208 5.84 20.85 -22.90
C TYR A 208 6.92 21.16 -21.87
N LYS A 209 8.14 20.72 -22.15
CA LYS A 209 9.29 21.01 -21.30
C LYS A 209 9.53 22.52 -21.15
N SER A 210 9.45 23.25 -22.27
CA SER A 210 9.59 24.71 -22.23
C SER A 210 8.48 25.35 -21.40
N PHE A 211 7.26 24.83 -21.54
CA PHE A 211 6.11 25.28 -20.78
C PHE A 211 6.37 25.09 -19.28
N LEU A 212 6.85 23.91 -18.90
CA LEU A 212 7.17 23.64 -17.50
C LEU A 212 8.27 24.53 -16.95
N MET A 213 9.28 24.82 -17.76
CA MET A 213 10.39 25.67 -17.33
C MET A 213 9.94 27.11 -17.12
N SER A 214 8.93 27.54 -17.87
CA SER A 214 8.37 28.88 -17.74
C SER A 214 7.46 28.96 -16.51
N LEU A 215 6.58 27.98 -16.37
CA LEU A 215 5.66 27.92 -15.24
C LEU A 215 6.38 27.67 -13.92
N CYS A 216 7.35 26.76 -13.96
CA CYS A 216 8.05 26.27 -12.78
C CYS A 216 9.57 26.37 -12.95
N PRO A 217 10.13 27.60 -12.92
CA PRO A 217 11.58 27.77 -13.02
C PRO A 217 12.33 27.06 -11.89
N ARG A 218 13.57 26.66 -12.17
CA ARG A 218 14.37 25.89 -11.21
C ARG A 218 15.76 26.50 -10.97
N PRO A 219 15.81 27.73 -10.43
CA PRO A 219 17.09 28.41 -10.23
C PRO A 219 17.98 27.71 -9.21
N GLU A 220 17.40 26.89 -8.34
CA GLU A 220 18.17 26.14 -7.35
C GLU A 220 19.04 25.05 -8.01
N ILE A 221 18.64 24.59 -9.19
CA ILE A 221 19.42 23.64 -9.98
C ILE A 221 20.54 24.39 -10.73
N ASP A 222 20.21 25.57 -11.25
CA ASP A 222 21.20 26.45 -11.89
C ASP A 222 22.36 26.74 -10.95
N GLU A 223 22.09 26.66 -9.65
CA GLU A 223 23.08 26.91 -8.60
C GLU A 223 24.10 25.77 -8.44
N ILE A 224 23.76 24.58 -8.96
CA ILE A 224 24.68 23.43 -8.96
C ILE A 224 25.84 23.67 -9.94
N PHE A 225 25.63 24.55 -10.91
CA PHE A 225 26.64 24.88 -11.91
C PHE A 225 27.72 25.82 -11.35
N THR A 226 28.50 25.28 -10.41
CA THR A 226 29.62 26.02 -9.81
C THR A 226 30.86 25.13 -9.70
N TYR A 235 27.02 26.10 -17.65
CA TYR A 235 27.13 24.99 -18.59
C TYR A 235 28.13 23.94 -18.12
N MET A 236 27.86 22.69 -18.51
CA MET A 236 28.73 21.56 -18.17
C MET A 236 29.16 20.80 -19.43
N THR A 237 30.42 20.38 -19.45
CA THR A 237 30.95 19.53 -20.51
C THR A 237 30.90 18.06 -20.08
N LYS A 238 31.50 17.18 -20.87
CA LYS A 238 31.64 15.77 -20.50
C LYS A 238 32.34 15.65 -19.15
N GLU A 239 33.50 16.29 -19.03
CA GLU A 239 34.35 16.22 -17.84
C GLU A 239 33.66 16.72 -16.57
N HIS A 240 32.95 17.84 -16.69
CA HIS A 240 32.30 18.48 -15.54
C HIS A 240 31.06 17.70 -15.07
N LEU A 241 30.31 17.15 -16.02
CA LEU A 241 29.13 16.34 -15.72
C LEU A 241 29.51 14.96 -15.16
N THR A 242 30.62 14.40 -15.65
CA THR A 242 31.16 13.15 -15.11
C THR A 242 31.60 13.36 -13.67
N LYS A 243 32.20 14.53 -13.41
CA LYS A 243 32.61 14.94 -12.07
C LYS A 243 31.40 15.04 -11.13
N PHE A 244 30.30 15.60 -11.65
CA PHE A 244 29.06 15.73 -10.87
C PHE A 244 28.47 14.38 -10.49
N ILE A 245 28.34 13.49 -11.46
CA ILE A 245 27.77 12.15 -11.25
C ILE A 245 28.59 11.31 -10.25
N ASN A 246 29.91 11.39 -10.37
CA ASN A 246 30.81 10.61 -9.52
C ASN A 246 30.99 11.17 -8.10
N GLN A 247 30.89 12.48 -7.96
CA GLN A 247 31.08 13.13 -6.66
C GLN A 247 29.78 13.33 -5.89
N LYS A 248 28.75 13.83 -6.57
CA LYS A 248 27.49 14.18 -5.92
C LYS A 248 26.48 13.04 -5.87
N GLN A 249 26.32 12.34 -6.99
CA GLN A 249 25.35 11.25 -7.08
C GLN A 249 25.85 9.96 -6.40
N ARG A 250 27.11 10.00 -5.97
CA ARG A 250 27.67 9.12 -4.91
C ARG A 250 29.16 9.41 -4.72
N GLN A 266 29.26 7.37 -22.00
CA GLN A 266 28.03 7.22 -21.26
C GLN A 266 27.49 8.57 -20.79
N VAL A 267 28.40 9.45 -20.36
CA VAL A 267 28.05 10.80 -19.91
C VAL A 267 27.62 11.66 -21.10
N GLN A 268 28.29 11.48 -22.24
CA GLN A 268 27.92 12.16 -23.48
C GLN A 268 26.55 11.70 -23.97
N GLY A 269 26.24 10.42 -23.75
CA GLY A 269 24.93 9.85 -24.08
C GLY A 269 23.81 10.48 -23.27
N LEU A 270 24.11 10.86 -22.03
CA LEU A 270 23.15 11.56 -21.17
C LEU A 270 22.89 12.98 -21.65
N ILE A 271 23.94 13.64 -22.15
CA ILE A 271 23.81 14.98 -22.73
C ILE A 271 22.93 14.95 -23.99
N ASP A 272 23.21 13.99 -24.87
CA ASP A 272 22.41 13.80 -26.09
C ASP A 272 20.95 13.51 -25.79
N LYS A 273 20.71 12.79 -24.69
CA LYS A 273 19.35 12.41 -24.30
C LYS A 273 18.57 13.57 -23.66
N TYR A 274 19.24 14.36 -22.83
CA TYR A 274 18.55 15.34 -21.98
C TYR A 274 18.68 16.81 -22.38
N GLU A 275 19.74 17.17 -23.10
CA GLU A 275 19.93 18.55 -23.56
C GLU A 275 18.93 18.88 -24.67
N PRO A 276 18.12 19.94 -24.47
CA PRO A 276 17.17 20.39 -25.49
C PRO A 276 17.86 20.94 -26.75
N SER A 277 18.98 21.65 -26.56
CA SER A 277 19.72 22.26 -27.66
C SER A 277 20.56 21.23 -28.42
N LEU A 286 25.97 20.67 -21.56
CA LEU A 286 24.67 20.56 -20.91
C LEU A 286 24.25 21.87 -20.25
N SER A 287 23.02 22.30 -20.55
CA SER A 287 22.44 23.53 -20.01
C SER A 287 21.77 23.27 -18.66
N PRO A 288 21.43 24.34 -17.90
CA PRO A 288 20.62 24.19 -16.70
C PRO A 288 19.34 23.39 -16.93
N GLU A 289 18.64 23.65 -18.03
CA GLU A 289 17.42 22.90 -18.36
C GLU A 289 17.73 21.42 -18.58
N GLY A 290 18.84 21.14 -19.27
CA GLY A 290 19.31 19.77 -19.48
C GLY A 290 19.54 19.03 -18.18
N MET A 291 20.11 19.72 -17.20
CA MET A 291 20.34 19.16 -15.87
C MET A 291 19.02 18.88 -15.14
N VAL A 292 18.04 19.76 -15.29
CA VAL A 292 16.71 19.55 -14.72
C VAL A 292 16.14 18.21 -15.21
N TRP A 293 16.11 18.02 -16.52
CA TRP A 293 15.54 16.81 -17.11
C TRP A 293 16.34 15.56 -16.78
N PHE A 294 17.66 15.69 -16.73
CA PHE A 294 18.51 14.59 -16.31
C PHE A 294 18.16 14.16 -14.88
N LEU A 295 18.04 15.14 -13.98
CA LEU A 295 17.76 14.86 -12.58
C LEU A 295 16.33 14.33 -12.34
N CYS A 296 15.43 14.59 -13.30
CA CYS A 296 14.08 14.03 -13.24
C CYS A 296 13.98 12.66 -13.89
N GLY A 297 15.05 12.24 -14.56
CA GLY A 297 15.04 11.01 -15.36
C GLY A 297 15.27 9.72 -14.58
N PRO A 298 15.04 8.57 -15.23
CA PRO A 298 15.14 7.25 -14.57
C PRO A 298 16.56 6.81 -14.19
N GLU A 299 17.58 7.46 -14.76
CA GLU A 299 18.98 7.17 -14.38
C GLU A 299 19.24 7.62 -12.94
N ASN A 300 18.43 8.58 -12.47
CA ASN A 300 18.46 9.02 -11.09
C ASN A 300 17.21 8.50 -10.39
N SER A 301 17.43 7.57 -9.47
CA SER A 301 16.33 6.96 -8.72
C SER A 301 16.61 7.15 -7.24
N VAL A 302 15.61 7.65 -6.50
CA VAL A 302 15.79 7.83 -5.07
C VAL A 302 15.91 6.49 -4.35
N LEU A 303 15.28 5.46 -4.93
CA LEU A 303 15.30 4.11 -4.40
C LEU A 303 16.21 3.19 -5.20
N ALA A 304 16.85 2.27 -4.50
CA ALA A 304 17.43 1.09 -5.12
C ALA A 304 16.23 0.22 -5.50
N GLN A 305 15.82 0.30 -6.76
CA GLN A 305 14.54 -0.26 -7.18
C GLN A 305 14.47 -1.79 -7.15
N ASP A 306 15.64 -2.43 -7.13
CA ASP A 306 15.69 -3.89 -6.99
C ASP A 306 15.08 -4.35 -5.67
N LYS A 307 15.08 -3.46 -4.68
CA LYS A 307 14.54 -3.79 -3.36
C LYS A 307 13.01 -3.80 -3.33
N LEU A 308 12.38 -3.22 -4.34
CA LEU A 308 10.93 -3.27 -4.47
C LEU A 308 10.47 -4.64 -4.95
N LEU A 309 11.38 -5.36 -5.60
CA LEU A 309 11.06 -6.67 -6.13
C LEU A 309 11.15 -7.73 -5.04
N LEU A 310 10.53 -8.88 -5.26
CA LEU A 310 10.69 -10.01 -4.36
C LEU A 310 12.15 -10.43 -4.39
N HIS A 311 12.84 -10.31 -3.26
CA HIS A 311 14.27 -10.59 -3.20
C HIS A 311 14.79 -11.12 -1.86
N HIS A 312 13.94 -11.12 -0.84
CA HIS A 312 14.34 -11.66 0.46
C HIS A 312 14.46 -13.18 0.38
N ASP A 313 15.30 -13.74 1.23
CA ASP A 313 15.34 -15.19 1.41
C ASP A 313 13.99 -15.60 2.01
N MET A 314 13.21 -16.35 1.24
CA MET A 314 11.89 -16.79 1.67
C MET A 314 11.88 -18.21 2.26
N THR A 315 13.06 -18.73 2.59
CA THR A 315 13.21 -20.12 3.02
C THR A 315 13.46 -20.31 4.53
N GLN A 316 13.41 -19.21 5.29
CA GLN A 316 13.58 -19.25 6.75
C GLN A 316 12.25 -19.56 7.43
N PRO A 317 12.26 -20.01 8.71
CA PRO A 317 11.00 -20.30 9.40
C PRO A 317 10.02 -19.13 9.37
N LEU A 318 8.72 -19.44 9.34
CA LEU A 318 7.67 -18.43 9.18
C LEU A 318 7.76 -17.28 10.20
N ASN A 319 8.14 -17.62 11.43
CA ASN A 319 8.27 -16.62 12.50
C ASN A 319 9.52 -15.75 12.44
N HIS A 320 10.35 -15.97 11.41
CA HIS A 320 11.53 -15.15 11.19
C HIS A 320 11.26 -13.98 10.24
N TYR A 321 9.98 -13.70 10.02
CA TYR A 321 9.53 -12.60 9.16
C TYR A 321 8.60 -11.66 9.88
N PHE A 322 8.65 -10.39 9.52
CA PHE A 322 7.54 -9.48 9.80
C PHE A 322 6.45 -9.79 8.78
N ILE A 323 5.22 -9.91 9.26
CA ILE A 323 4.09 -10.34 8.45
C ILE A 323 3.02 -9.26 8.48
N ASN A 324 2.66 -8.75 7.29
CA ASN A 324 1.68 -7.68 7.17
C ASN A 324 0.34 -8.13 7.73
N SER A 325 -0.18 -7.39 8.71
CA SER A 325 -1.30 -7.86 9.52
C SER A 325 -2.41 -6.84 9.76
N SER A 326 -3.65 -7.30 9.62
CA SER A 326 -4.85 -6.48 9.81
C SER A 326 -5.62 -6.85 11.08
N HIS A 327 -6.10 -5.84 11.79
CA HIS A 327 -6.98 -6.02 12.95
C HIS A 327 -8.46 -5.84 12.61
N ASN A 328 -9.34 -6.67 13.21
CA ASN A 328 -10.82 -6.62 13.03
C ASN A 328 -11.18 -6.26 11.60
N THR A 329 -10.73 -7.12 10.70
CA THR A 329 -10.62 -6.80 9.28
C THR A 329 -11.95 -6.42 8.66
N TYR A 330 -13.02 -7.07 9.13
CA TYR A 330 -14.36 -6.90 8.62
C TYR A 330 -14.93 -5.48 8.78
N LEU A 331 -14.33 -4.66 9.64
CA LEU A 331 -14.84 -3.32 9.91
C LEU A 331 -14.34 -2.29 8.91
N THR A 332 -15.26 -1.47 8.40
CA THR A 332 -14.93 -0.43 7.42
C THR A 332 -14.66 0.93 8.07
N ALA A 333 -15.08 1.08 9.32
CA ALA A 333 -15.02 2.39 9.98
C ALA A 333 -14.72 2.23 11.47
N GLY A 334 -15.58 2.73 12.34
CA GLY A 334 -15.36 2.67 13.78
C GLY A 334 -15.51 1.28 14.37
N GLN A 335 -15.06 1.13 15.61
CA GLN A 335 -15.13 -0.16 16.31
C GLN A 335 -16.49 -0.41 16.95
N PHE A 336 -17.21 0.66 17.28
CA PHE A 336 -18.48 0.50 18.00
C PHE A 336 -19.72 0.61 17.12
N SER A 337 -19.58 1.31 15.99
CA SER A 337 -20.68 1.45 15.06
C SER A 337 -20.12 1.49 13.65
N GLY A 338 -20.99 1.31 12.66
CA GLY A 338 -20.56 1.37 11.28
C GLY A 338 -20.68 0.06 10.55
N LEU A 339 -20.40 0.10 9.26
CA LEU A 339 -20.58 -1.03 8.37
C LEU A 339 -19.46 -2.04 8.49
N SER A 340 -19.85 -3.32 8.62
CA SER A 340 -18.95 -4.44 8.39
C SER A 340 -19.13 -4.87 6.94
N SER A 341 -18.03 -5.25 6.29
CA SER A 341 -18.09 -5.67 4.89
C SER A 341 -17.04 -6.70 4.55
N ALA A 342 -17.45 -7.73 3.82
CA ALA A 342 -16.50 -8.73 3.33
C ALA A 342 -15.50 -8.14 2.32
N GLU A 343 -15.87 -7.01 1.72
CA GLU A 343 -14.98 -6.34 0.76
C GLU A 343 -13.65 -5.93 1.40
N MET A 344 -13.68 -5.67 2.72
CA MET A 344 -12.44 -5.36 3.44
C MET A 344 -11.39 -6.46 3.32
N TYR A 345 -11.83 -7.73 3.36
CA TYR A 345 -10.91 -8.84 3.20
C TYR A 345 -10.24 -8.81 1.83
N ARG A 346 -11.04 -8.56 0.79
CA ARG A 346 -10.48 -8.43 -0.56
C ARG A 346 -9.43 -7.31 -0.60
N GLN A 347 -9.81 -6.14 -0.11
CA GLN A 347 -8.91 -4.98 -0.19
C GLN A 347 -7.58 -5.18 0.53
N VAL A 348 -7.61 -5.69 1.75
CA VAL A 348 -6.35 -5.85 2.47
C VAL A 348 -5.46 -6.91 1.83
N LEU A 349 -6.07 -8.01 1.38
CA LEU A 349 -5.31 -9.08 0.75
C LEU A 349 -4.66 -8.63 -0.55
N LEU A 350 -5.33 -7.75 -1.27
CA LEU A 350 -4.81 -7.20 -2.52
C LEU A 350 -3.61 -6.28 -2.32
N SER A 351 -3.47 -5.76 -1.10
CA SER A 351 -2.31 -4.95 -0.75
C SER A 351 -1.22 -5.76 -0.06
N GLY A 352 -1.37 -7.08 -0.08
CA GLY A 352 -0.35 -7.95 0.47
C GLY A 352 -0.45 -8.19 1.97
N CYS A 353 -1.55 -7.78 2.58
CA CYS A 353 -1.82 -8.21 3.95
C CYS A 353 -1.88 -9.74 3.96
N ARG A 354 -1.26 -10.35 4.97
CA ARG A 354 -1.17 -11.81 5.04
C ARG A 354 -1.80 -12.40 6.30
N CYS A 355 -2.32 -11.54 7.16
CA CYS A 355 -3.00 -12.01 8.36
C CYS A 355 -4.22 -11.15 8.61
N VAL A 356 -5.39 -11.79 8.61
CA VAL A 356 -6.66 -11.09 8.77
C VAL A 356 -7.44 -11.68 9.95
N GLU A 357 -8.45 -10.96 10.40
CA GLU A 357 -9.21 -11.36 11.58
C GLU A 357 -10.70 -11.56 11.28
N LEU A 358 -11.25 -12.64 11.79
CA LEU A 358 -12.68 -12.94 11.69
C LEU A 358 -13.23 -13.13 13.10
N ASP A 359 -14.13 -12.24 13.53
CA ASP A 359 -14.80 -12.38 14.82
C ASP A 359 -16.12 -13.10 14.57
N CYS A 360 -16.21 -14.34 15.01
CA CYS A 360 -17.34 -15.21 14.64
C CYS A 360 -18.35 -15.36 15.77
N TRP A 361 -19.63 -15.14 15.45
CA TRP A 361 -20.71 -15.22 16.42
C TRP A 361 -21.84 -16.08 15.88
N LYS A 362 -22.65 -16.62 16.78
CA LYS A 362 -23.85 -17.36 16.35
C LYS A 362 -24.82 -16.42 15.66
N GLY A 363 -25.62 -16.96 14.75
CA GLY A 363 -26.71 -16.20 14.16
C GLY A 363 -27.64 -15.66 15.25
N LYS A 364 -28.24 -14.50 14.98
CA LYS A 364 -29.17 -13.90 15.92
C LYS A 364 -30.56 -14.48 15.68
N PRO A 365 -31.09 -15.27 16.64
CA PRO A 365 -32.39 -15.94 16.47
C PRO A 365 -33.47 -14.97 16.02
N PRO A 366 -34.34 -15.39 15.08
CA PRO A 366 -34.50 -16.74 14.51
C PRO A 366 -33.42 -17.21 13.53
N ASP A 367 -32.45 -16.36 13.21
CA ASP A 367 -31.31 -16.73 12.35
C ASP A 367 -30.44 -17.78 13.03
N GLU A 368 -29.95 -18.76 12.26
CA GLU A 368 -29.12 -19.84 12.80
C GLU A 368 -27.87 -20.09 11.94
N GLU A 369 -27.36 -19.02 11.34
CA GLU A 369 -26.21 -19.07 10.45
C GLU A 369 -25.09 -18.24 11.07
N PRO A 370 -23.85 -18.77 11.09
CA PRO A 370 -22.77 -18.01 11.75
C PRO A 370 -22.49 -16.68 11.06
N ILE A 371 -22.24 -15.66 11.87
CA ILE A 371 -22.04 -14.30 11.38
C ILE A 371 -20.69 -13.77 11.85
N ILE A 372 -20.26 -12.67 11.22
CA ILE A 372 -19.08 -11.94 11.65
C ILE A 372 -19.52 -10.52 12.00
N THR A 373 -19.11 -10.06 13.18
CA THR A 373 -19.41 -8.72 13.66
C THR A 373 -18.57 -8.45 14.90
N HIS A 374 -18.54 -7.19 15.35
CA HIS A 374 -17.92 -6.86 16.62
C HIS A 374 -18.98 -7.00 17.71
N GLY A 375 -18.85 -8.06 18.50
CA GLY A 375 -19.85 -8.37 19.53
C GLY A 375 -20.04 -7.27 20.54
N PHE A 376 -21.29 -7.12 20.99
CA PHE A 376 -21.67 -6.15 22.02
C PHE A 376 -21.45 -4.71 21.59
N THR A 377 -21.57 -4.48 20.28
CA THR A 377 -21.51 -3.15 19.72
C THR A 377 -22.67 -2.96 18.74
N MET A 378 -22.66 -1.84 18.03
CA MET A 378 -23.70 -1.53 17.06
C MET A 378 -23.24 -1.73 15.61
N THR A 379 -22.05 -2.32 15.42
CA THR A 379 -21.56 -2.60 14.08
C THR A 379 -22.49 -3.56 13.36
N THR A 380 -22.60 -3.44 12.04
CA THR A 380 -23.44 -4.34 11.26
C THR A 380 -22.83 -5.74 11.18
N ASP A 381 -23.62 -6.69 10.70
CA ASP A 381 -23.20 -8.09 10.59
C ASP A 381 -22.99 -8.49 9.14
N ILE A 382 -22.06 -9.40 8.91
CA ILE A 382 -21.95 -10.10 7.62
C ILE A 382 -22.02 -11.61 7.91
N PHE A 383 -22.32 -12.39 6.88
CA PHE A 383 -22.27 -13.84 7.05
C PHE A 383 -20.84 -14.33 7.04
N PHE A 384 -20.53 -15.25 7.93
CA PHE A 384 -19.25 -15.93 7.94
C PHE A 384 -18.90 -16.43 6.54
N LYS A 385 -19.88 -17.06 5.87
CA LYS A 385 -19.69 -17.56 4.51
C LYS A 385 -19.15 -16.50 3.54
N GLU A 386 -19.68 -15.28 3.63
CA GLU A 386 -19.26 -14.22 2.71
C GLU A 386 -17.79 -13.87 2.89
N ALA A 387 -17.31 -13.84 4.13
CA ALA A 387 -15.90 -13.57 4.42
C ALA A 387 -15.01 -14.63 3.81
N ILE A 388 -15.40 -15.90 3.96
CA ILE A 388 -14.63 -17.00 3.39
C ILE A 388 -14.57 -16.89 1.87
N GLU A 389 -15.70 -16.56 1.26
CA GLU A 389 -15.75 -16.36 -0.19
C GLU A 389 -14.84 -15.22 -0.66
N ALA A 390 -14.80 -14.12 0.10
CA ALA A 390 -13.96 -12.97 -0.23
C ALA A 390 -12.48 -13.32 -0.11
N ILE A 391 -12.12 -14.00 0.98
CA ILE A 391 -10.75 -14.42 1.20
C ILE A 391 -10.28 -15.39 0.11
N ALA A 392 -11.12 -16.35 -0.24
CA ALA A 392 -10.77 -17.35 -1.24
C ALA A 392 -10.48 -16.72 -2.61
N GLU A 393 -11.23 -15.67 -2.93
CA GLU A 393 -11.07 -14.95 -4.19
C GLU A 393 -9.73 -14.21 -4.26
N SER A 394 -9.41 -13.49 -3.18
CA SER A 394 -8.34 -12.49 -3.21
C SER A 394 -7.01 -12.94 -2.63
N ALA A 395 -7.01 -14.06 -1.92
CA ALA A 395 -5.85 -14.50 -1.13
C ALA A 395 -4.50 -14.46 -1.85
N PHE A 396 -4.45 -14.99 -3.07
CA PHE A 396 -3.18 -15.14 -3.76
C PHE A 396 -3.09 -14.38 -5.09
N LYS A 397 -3.93 -13.36 -5.25
CA LYS A 397 -3.93 -12.56 -6.48
C LYS A 397 -2.66 -11.73 -6.64
N THR A 398 -2.12 -11.21 -5.53
CA THR A 398 -0.97 -10.32 -5.59
C THR A 398 0.28 -10.82 -4.83
N SER A 399 0.08 -11.79 -3.93
CA SER A 399 1.18 -12.46 -3.25
C SER A 399 0.90 -13.96 -3.18
N PRO A 400 1.91 -14.79 -3.49
CA PRO A 400 1.72 -16.24 -3.40
C PRO A 400 1.97 -16.80 -1.99
N TYR A 401 2.40 -15.95 -1.07
CA TYR A 401 2.85 -16.44 0.23
C TYR A 401 1.68 -16.63 1.21
N PRO A 402 1.86 -17.54 2.19
CA PRO A 402 0.72 -18.01 2.99
C PRO A 402 0.00 -16.94 3.78
N ILE A 403 -1.29 -17.15 4.00
CA ILE A 403 -2.07 -16.25 4.83
C ILE A 403 -2.54 -16.95 6.09
N ILE A 404 -2.73 -16.16 7.14
CA ILE A 404 -3.18 -16.66 8.43
C ILE A 404 -4.52 -16.01 8.74
N LEU A 405 -5.53 -16.83 9.03
CA LEU A 405 -6.83 -16.33 9.44
C LEU A 405 -6.96 -16.41 10.95
N SER A 406 -6.98 -15.26 11.60
CA SER A 406 -7.16 -15.20 13.05
C SER A 406 -8.64 -15.24 13.40
N PHE A 407 -9.11 -16.40 13.83
CA PHE A 407 -10.50 -16.57 14.27
C PHE A 407 -10.60 -16.14 15.73
N GLU A 408 -11.53 -15.22 16.01
CA GLU A 408 -11.91 -14.94 17.38
C GLU A 408 -13.30 -15.54 17.52
N ASN A 409 -13.35 -16.71 18.16
CA ASN A 409 -14.52 -17.57 18.07
C ASN A 409 -15.46 -17.46 19.27
N HIS A 410 -16.70 -17.11 18.98
CA HIS A 410 -17.74 -17.00 19.99
C HIS A 410 -18.93 -17.89 19.66
N VAL A 411 -18.72 -18.78 18.68
CA VAL A 411 -19.78 -19.67 18.23
C VAL A 411 -19.83 -20.91 19.12
N ASP A 412 -20.58 -20.81 20.22
CA ASP A 412 -20.70 -21.93 21.16
C ASP A 412 -21.85 -22.84 20.75
N SER A 413 -21.73 -23.36 19.53
CA SER A 413 -22.71 -24.22 18.91
C SER A 413 -21.94 -25.23 18.06
N PRO A 414 -21.99 -26.52 18.43
CA PRO A 414 -21.41 -27.53 17.56
C PRO A 414 -21.92 -27.45 16.11
N ARG A 415 -23.21 -27.20 15.93
CA ARG A 415 -23.79 -27.13 14.58
C ARG A 415 -23.20 -25.99 13.76
N GLN A 416 -23.16 -24.78 14.34
CA GLN A 416 -22.67 -23.63 13.61
C GLN A 416 -21.14 -23.66 13.41
N GLN A 417 -20.41 -24.21 14.38
CA GLN A 417 -18.98 -24.48 14.17
C GLN A 417 -18.75 -25.48 13.04
N ALA A 418 -19.63 -26.48 12.93
CA ALA A 418 -19.54 -27.46 11.85
C ALA A 418 -19.76 -26.80 10.50
N LYS A 419 -20.71 -25.87 10.44
CA LYS A 419 -20.96 -25.09 9.23
C LYS A 419 -19.73 -24.26 8.88
N MET A 420 -19.14 -23.60 9.88
CA MET A 420 -17.91 -22.82 9.68
C MET A 420 -16.79 -23.67 9.07
N ALA A 421 -16.53 -24.83 9.68
CA ALA A 421 -15.47 -25.71 9.22
C ALA A 421 -15.71 -26.21 7.80
N GLU A 422 -16.96 -26.57 7.50
CA GLU A 422 -17.31 -27.04 6.16
C GLU A 422 -17.16 -25.93 5.11
N TYR A 423 -17.57 -24.71 5.44
CA TYR A 423 -17.35 -23.56 4.56
C TYR A 423 -15.87 -23.41 4.21
N CYS A 424 -15.02 -23.43 5.23
CA CYS A 424 -13.57 -23.34 5.01
C CYS A 424 -13.06 -24.46 4.10
N ARG A 425 -13.42 -25.70 4.41
CA ARG A 425 -12.92 -26.83 3.62
C ARG A 425 -13.37 -26.80 2.18
N THR A 426 -14.65 -26.51 1.96
CA THR A 426 -15.23 -26.56 0.61
C THR A 426 -14.86 -25.35 -0.25
N ILE A 427 -14.90 -24.16 0.34
CA ILE A 427 -14.64 -22.93 -0.41
C ILE A 427 -13.15 -22.71 -0.69
N PHE A 428 -12.30 -22.99 0.31
CA PHE A 428 -10.86 -22.87 0.13
C PHE A 428 -10.29 -24.05 -0.67
N GLY A 429 -10.91 -25.22 -0.52
CA GLY A 429 -10.41 -26.43 -1.19
C GLY A 429 -8.95 -26.69 -0.88
N ASP A 430 -8.15 -26.91 -1.92
CA ASP A 430 -6.74 -27.25 -1.80
C ASP A 430 -5.86 -26.17 -1.19
N MET A 431 -6.39 -24.94 -1.13
CA MET A 431 -5.65 -23.81 -0.53
C MET A 431 -5.54 -23.95 0.98
N LEU A 432 -6.54 -24.58 1.60
CA LEU A 432 -6.56 -24.74 3.04
C LEU A 432 -5.56 -25.81 3.50
N LEU A 433 -4.70 -25.42 4.43
CA LEU A 433 -3.80 -26.38 5.07
C LEU A 433 -4.55 -27.10 6.18
N THR A 434 -4.92 -28.35 5.92
CA THR A 434 -5.79 -29.11 6.82
C THR A 434 -5.00 -30.05 7.73
N GLU A 435 -3.73 -30.25 7.43
CA GLU A 435 -2.84 -31.10 8.21
C GLU A 435 -1.40 -30.59 8.13
N PRO A 436 -0.57 -30.88 9.16
CA PRO A 436 0.82 -30.46 9.09
C PRO A 436 1.59 -31.11 7.94
N LEU A 437 2.65 -30.45 7.51
CA LEU A 437 3.55 -30.97 6.49
C LEU A 437 4.38 -32.12 7.07
N GLU A 438 4.72 -33.09 6.24
CA GLU A 438 5.46 -34.27 6.68
C GLU A 438 6.84 -33.92 7.25
N LYS A 439 7.51 -32.95 6.62
CA LYS A 439 8.84 -32.49 7.04
C LYS A 439 8.81 -31.72 8.36
N PHE A 440 7.64 -31.18 8.71
CA PHE A 440 7.51 -30.33 9.90
C PHE A 440 6.41 -30.81 10.85
N PRO A 441 6.68 -31.90 11.60
CA PRO A 441 5.70 -32.38 12.56
C PRO A 441 5.48 -31.43 13.72
N LEU A 442 4.31 -31.51 14.34
CA LEU A 442 3.96 -30.67 15.47
C LEU A 442 4.51 -31.28 16.75
N LYS A 443 5.83 -31.18 16.90
CA LYS A 443 6.56 -31.73 18.04
C LYS A 443 7.52 -30.68 18.57
N PRO A 444 7.89 -30.78 19.86
CA PRO A 444 8.90 -29.86 20.41
C PRO A 444 10.23 -29.88 19.65
N GLY A 445 10.84 -28.71 19.50
CA GLY A 445 12.16 -28.60 18.88
C GLY A 445 12.17 -28.45 17.37
N VAL A 446 11.01 -28.62 16.74
CA VAL A 446 10.88 -28.53 15.29
C VAL A 446 10.48 -27.10 14.90
N PRO A 447 11.25 -26.46 13.99
CA PRO A 447 10.91 -25.09 13.59
C PRO A 447 9.66 -25.02 12.74
N LEU A 448 9.08 -23.83 12.62
CA LEU A 448 7.98 -23.62 11.69
C LEU A 448 8.47 -23.78 10.26
N PRO A 449 7.57 -24.22 9.34
CA PRO A 449 7.93 -24.22 7.92
C PRO A 449 8.17 -22.79 7.41
N SER A 450 8.77 -22.67 6.23
CA SER A 450 9.05 -21.37 5.63
C SER A 450 7.85 -20.86 4.82
N PRO A 451 7.81 -19.54 4.52
CA PRO A 451 6.81 -19.05 3.56
C PRO A 451 6.82 -19.85 2.25
N GLU A 452 8.01 -20.20 1.77
CA GLU A 452 8.13 -20.99 0.54
C GLU A 452 7.51 -22.39 0.68
N ASP A 453 7.75 -23.04 1.83
CA ASP A 453 7.17 -24.35 2.14
C ASP A 453 5.64 -24.32 2.14
N LEU A 454 5.08 -23.14 2.41
CA LEU A 454 3.64 -22.98 2.58
C LEU A 454 3.02 -22.08 1.51
N ARG A 455 3.69 -21.99 0.36
CA ARG A 455 3.20 -21.18 -0.75
C ARG A 455 1.77 -21.55 -1.12
N GLY A 456 0.91 -20.54 -1.24
CA GLY A 456 -0.48 -20.77 -1.67
C GLY A 456 -1.36 -21.47 -0.65
N LYS A 457 -0.94 -21.44 0.63
CA LYS A 457 -1.71 -22.07 1.70
C LYS A 457 -2.36 -21.06 2.63
N ILE A 458 -3.53 -21.44 3.12
CA ILE A 458 -4.30 -20.67 4.09
C ILE A 458 -4.24 -21.43 5.41
N LEU A 459 -3.80 -20.74 6.46
CA LEU A 459 -3.66 -21.35 7.78
C LEU A 459 -4.69 -20.77 8.74
N ILE A 460 -5.36 -21.65 9.47
CA ILE A 460 -6.39 -21.26 10.43
C ILE A 460 -5.82 -21.16 11.84
N LYS A 461 -5.94 -19.96 12.43
CA LYS A 461 -5.63 -19.75 13.83
C LYS A 461 -6.93 -19.77 14.63
N ASN A 462 -7.12 -20.84 15.40
CA ASN A 462 -8.30 -21.02 16.24
C ASN A 462 -7.92 -21.94 17.38
N LYS A 463 -8.64 -21.85 18.50
CA LYS A 463 -8.41 -22.78 19.61
C LYS A 463 -8.46 -24.22 19.09
N LYS A 464 -7.58 -25.05 19.64
CA LYS A 464 -7.48 -26.45 19.24
C LYS A 464 -7.45 -27.35 20.47
N ASN A 465 -8.16 -28.47 20.40
CA ASN A 465 -8.18 -29.44 21.50
C ASN A 465 -7.01 -30.41 21.47
N ASN A 516 -15.88 -10.83 34.24
CA ASN A 516 -16.63 -10.63 33.01
C ASN A 516 -18.05 -10.14 33.26
N LEU A 517 -18.63 -10.57 34.37
CA LEU A 517 -20.06 -10.40 34.60
C LEU A 517 -20.51 -9.00 34.97
N ASP A 518 -19.85 -8.36 35.94
CA ASP A 518 -20.33 -7.05 36.45
C ASP A 518 -19.84 -5.82 35.66
N GLU A 519 -20.41 -4.67 35.99
CA GLU A 519 -20.16 -3.41 35.27
C GLU A 519 -18.68 -3.03 35.23
N GLU A 520 -18.01 -3.19 36.38
CA GLU A 520 -16.60 -2.84 36.52
C GLU A 520 -15.70 -3.76 35.67
N GLU A 521 -16.04 -5.05 35.67
CA GLU A 521 -15.29 -6.05 34.90
C GLU A 521 -15.50 -5.85 33.40
N ILE A 522 -16.73 -5.52 33.01
CA ILE A 522 -17.06 -5.25 31.61
C ILE A 522 -16.26 -4.05 31.10
N LYS A 523 -16.25 -2.97 31.89
CA LYS A 523 -15.51 -1.75 31.53
C LYS A 523 -14.01 -2.01 31.36
N LYS A 524 -13.44 -2.80 32.27
CA LYS A 524 -12.01 -3.14 32.21
C LYS A 524 -11.71 -3.93 30.93
N MET A 525 -12.53 -4.93 30.64
CA MET A 525 -12.34 -5.73 29.43
C MET A 525 -12.51 -4.89 28.16
N GLN A 526 -13.53 -4.03 28.15
CA GLN A 526 -13.77 -3.17 26.98
C GLN A 526 -12.60 -2.24 26.69
N SER A 527 -11.88 -1.85 27.75
CA SER A 527 -10.79 -0.90 27.64
C SER A 527 -9.50 -1.52 27.11
N ASP A 528 -9.41 -2.86 27.17
CA ASP A 528 -8.17 -3.56 26.87
C ASP A 528 -8.37 -4.63 25.79
N GLU A 529 -8.56 -5.89 26.19
CA GLU A 529 -8.64 -7.00 25.24
C GLU A 529 -9.96 -7.07 24.46
N GLY A 530 -11.00 -6.41 24.98
CA GLY A 530 -12.31 -6.44 24.34
C GLY A 530 -12.86 -7.85 24.23
N THR A 531 -13.55 -8.14 23.13
CA THR A 531 -14.22 -9.43 22.99
C THR A 531 -13.25 -10.60 22.88
N ALA A 532 -11.97 -10.32 22.63
CA ALA A 532 -10.95 -11.37 22.65
C ALA A 532 -10.84 -12.05 24.02
N GLY A 533 -11.37 -11.41 25.07
CA GLY A 533 -11.44 -12.03 26.41
C GLY A 533 -12.61 -12.97 26.62
N LEU A 534 -13.41 -13.19 25.57
CA LEU A 534 -14.68 -13.93 25.68
C LEU A 534 -14.80 -15.14 24.75
N GLU A 535 -13.68 -15.66 24.27
CA GLU A 535 -13.71 -16.78 23.31
C GLU A 535 -14.21 -18.08 23.94
N VAL A 536 -14.82 -18.92 23.09
CA VAL A 536 -15.44 -20.17 23.53
C VAL A 536 -14.66 -21.40 23.07
N THR A 537 -15.01 -22.56 23.63
CA THR A 537 -14.38 -23.84 23.33
C THR A 537 -14.60 -24.25 21.86
N ALA A 538 -13.55 -24.82 21.27
CA ALA A 538 -13.61 -25.37 19.91
C ALA A 538 -14.00 -26.84 19.95
N TYR A 539 -14.87 -27.25 19.03
CA TYR A 539 -15.21 -28.66 18.89
C TYR A 539 -14.33 -29.32 17.83
N GLU A 540 -14.60 -30.58 17.52
CA GLU A 540 -13.71 -31.36 16.66
C GLU A 540 -13.53 -30.80 15.25
N GLU A 541 -14.61 -30.33 14.64
CA GLU A 541 -14.58 -29.88 13.25
C GLU A 541 -13.63 -28.69 13.06
N MET A 542 -13.76 -27.68 13.92
CA MET A 542 -12.86 -26.52 13.88
C MET A 542 -11.46 -26.86 14.35
N SER A 543 -11.36 -27.64 15.43
CA SER A 543 -10.06 -28.03 15.99
C SER A 543 -9.17 -28.72 14.96
N SER A 544 -9.79 -29.52 14.10
CA SER A 544 -9.06 -30.34 13.12
C SER A 544 -8.35 -29.51 12.05
N LEU A 545 -8.76 -28.24 11.92
CA LEU A 545 -8.20 -27.34 10.90
C LEU A 545 -6.96 -26.59 11.38
N VAL A 546 -6.65 -26.72 12.67
CA VAL A 546 -5.56 -25.97 13.27
C VAL A 546 -4.31 -26.83 13.35
N ASN A 547 -3.19 -26.25 12.96
CA ASN A 547 -1.91 -26.94 12.98
C ASN A 547 -0.75 -26.06 13.46
N TYR A 548 -0.21 -25.22 12.57
CA TYR A 548 0.99 -24.43 12.87
C TYR A 548 0.73 -23.14 13.65
N ILE A 549 -0.53 -22.70 13.70
CA ILE A 549 -0.85 -21.45 14.39
C ILE A 549 -1.86 -21.71 15.51
N GLN A 550 -1.39 -22.32 16.59
CA GLN A 550 -2.24 -22.71 17.72
C GLN A 550 -2.22 -21.68 18.84
N PRO A 551 -3.34 -20.98 19.07
CA PRO A 551 -3.35 -19.97 20.13
C PRO A 551 -3.49 -20.60 21.50
N THR A 552 -2.63 -20.18 22.43
CA THR A 552 -2.74 -20.60 23.83
C THR A 552 -2.52 -19.40 24.74
N LYS A 553 -3.11 -19.46 25.94
CA LYS A 553 -2.90 -18.44 26.95
C LYS A 553 -1.42 -18.38 27.31
N PHE A 554 -0.87 -17.18 27.25
CA PHE A 554 0.52 -16.95 27.60
C PHE A 554 0.71 -17.09 29.11
N VAL A 555 1.77 -17.79 29.50
CA VAL A 555 2.10 -17.97 30.92
C VAL A 555 3.35 -17.14 31.26
N SER A 556 4.45 -17.44 30.58
CA SER A 556 5.67 -16.66 30.72
C SER A 556 6.61 -17.03 29.59
N PHE A 557 7.60 -16.18 29.33
CA PHE A 557 8.61 -16.51 28.32
C PHE A 557 9.40 -17.76 28.74
N GLU A 558 9.65 -17.89 30.04
CA GLU A 558 10.34 -19.08 30.57
C GLU A 558 9.54 -20.36 30.30
N PHE A 559 8.24 -20.32 30.54
CA PHE A 559 7.37 -21.46 30.30
C PHE A 559 7.34 -21.82 28.81
N SER A 560 7.17 -20.82 27.96
CA SER A 560 7.16 -21.04 26.51
C SER A 560 8.47 -21.65 26.01
N ALA A 561 9.59 -21.16 26.54
CA ALA A 561 10.90 -21.67 26.13
C ALA A 561 11.07 -23.13 26.54
N GLN A 562 10.60 -23.46 27.73
CA GLN A 562 10.68 -24.83 28.28
C GLN A 562 9.93 -25.80 27.39
N LYS A 563 8.70 -25.43 27.02
CA LYS A 563 7.84 -26.29 26.22
C LYS A 563 8.34 -26.43 24.79
N ASN A 564 8.99 -25.38 24.28
CA ASN A 564 9.74 -25.47 23.03
C ASN A 564 8.88 -25.85 21.82
N ARG A 565 7.69 -25.25 21.75
CA ARG A 565 6.74 -25.52 20.67
C ARG A 565 6.65 -24.31 19.74
N SER A 566 7.16 -24.48 18.52
CA SER A 566 7.16 -23.39 17.53
C SER A 566 5.77 -23.08 16.97
N TYR A 567 4.84 -24.02 17.15
CA TYR A 567 3.50 -23.93 16.54
C TYR A 567 2.46 -23.30 17.45
N VAL A 568 2.90 -22.71 18.56
CA VAL A 568 2.01 -22.02 19.50
C VAL A 568 2.17 -20.51 19.34
N ILE A 569 1.04 -19.82 19.19
CA ILE A 569 1.04 -18.36 19.05
C ILE A 569 0.49 -17.67 20.30
N SER A 570 1.11 -16.56 20.67
CA SER A 570 0.64 -15.73 21.79
C SER A 570 0.16 -14.40 21.23
N SER A 571 -0.98 -13.93 21.74
CA SER A 571 -1.57 -12.66 21.29
C SER A 571 -1.71 -11.69 22.45
N PHE A 572 -1.34 -10.44 22.18
CA PHE A 572 -1.30 -9.42 23.21
C PHE A 572 -1.90 -8.12 22.69
N THR A 573 -2.63 -7.41 23.54
CA THR A 573 -2.97 -6.03 23.22
C THR A 573 -1.69 -5.20 23.23
N GLU A 574 -1.76 -4.02 22.62
CA GLU A 574 -0.63 -3.09 22.64
C GLU A 574 -0.16 -2.81 24.07
N LEU A 575 -1.09 -2.83 25.02
CA LEU A 575 -0.78 -2.52 26.42
C LEU A 575 0.00 -3.64 27.07
N LYS A 576 -0.47 -4.87 26.90
CA LYS A 576 0.22 -6.02 27.48
C LYS A 576 1.60 -6.21 26.85
N ALA A 577 1.67 -6.09 25.52
CA ALA A 577 2.94 -6.26 24.82
C ALA A 577 3.94 -5.17 25.19
N TYR A 578 3.46 -3.95 25.40
CA TYR A 578 4.33 -2.86 25.85
C TYR A 578 4.92 -3.19 27.21
N ASP A 579 4.10 -3.72 28.11
CA ASP A 579 4.58 -4.13 29.43
C ASP A 579 5.67 -5.19 29.29
N LEU A 580 5.47 -6.16 28.39
CA LEU A 580 6.44 -7.24 28.17
C LEU A 580 7.74 -6.77 27.49
N LEU A 581 7.61 -5.91 26.48
CA LEU A 581 8.80 -5.48 25.71
C LEU A 581 9.64 -4.49 26.50
N SER A 582 9.01 -3.83 27.47
CA SER A 582 9.68 -2.85 28.33
C SER A 582 10.40 -3.52 29.49
N LYS A 583 9.86 -4.64 29.98
CA LYS A 583 10.37 -5.29 31.19
C LYS A 583 11.09 -6.62 30.94
N ALA A 584 10.89 -7.21 29.77
CA ALA A 584 11.49 -8.49 29.42
C ALA A 584 11.89 -8.49 27.93
N SER A 585 12.60 -7.43 27.54
CA SER A 585 12.97 -7.19 26.15
C SER A 585 13.71 -8.35 25.47
N VAL A 586 14.81 -8.79 26.07
CA VAL A 586 15.61 -9.89 25.51
C VAL A 586 14.80 -11.19 25.40
N GLN A 587 14.02 -11.48 26.44
CA GLN A 587 13.20 -12.68 26.44
C GLN A 587 12.15 -12.64 25.31
N PHE A 588 11.61 -11.45 25.05
CA PHE A 588 10.59 -11.28 24.00
C PHE A 588 11.23 -11.55 22.64
N VAL A 589 12.40 -10.95 22.40
CA VAL A 589 13.11 -11.17 21.15
C VAL A 589 13.41 -12.66 20.97
N ASP A 590 13.88 -13.31 22.04
CA ASP A 590 14.19 -14.74 22.00
C ASP A 590 12.96 -15.61 21.72
N TYR A 591 11.85 -15.26 22.38
CA TYR A 591 10.56 -15.91 22.13
C TYR A 591 10.25 -15.86 20.63
N ASN A 592 10.42 -14.68 20.04
CA ASN A 592 10.08 -14.47 18.63
C ASN A 592 11.04 -15.15 17.63
N LYS A 593 12.15 -15.65 18.14
CA LYS A 593 13.06 -16.47 17.32
C LYS A 593 12.50 -17.88 17.13
N ARG A 594 11.62 -18.30 18.04
CA ARG A 594 11.04 -19.66 18.03
C ARG A 594 9.57 -19.67 17.64
N GLN A 595 8.82 -18.69 18.15
CA GLN A 595 7.37 -18.66 18.03
C GLN A 595 6.86 -17.34 17.50
N MET A 596 5.55 -17.33 17.20
CA MET A 596 4.84 -16.14 16.74
C MET A 596 4.21 -15.36 17.88
N SER A 597 4.26 -14.03 17.77
CA SER A 597 3.41 -13.16 18.58
C SER A 597 2.57 -12.26 17.68
N ARG A 598 1.33 -12.01 18.09
CA ARG A 598 0.43 -11.10 17.40
C ARG A 598 0.03 -9.99 18.35
N ILE A 599 0.11 -8.76 17.88
CA ILE A 599 -0.24 -7.57 18.67
C ILE A 599 -1.48 -6.94 18.06
N TYR A 600 -2.39 -6.44 18.90
CA TYR A 600 -3.60 -5.78 18.39
C TYR A 600 -3.98 -4.57 19.26
N PRO A 601 -4.74 -3.62 18.68
CA PRO A 601 -5.05 -2.38 19.40
C PRO A 601 -5.92 -2.57 20.64
N LYS A 602 -5.68 -1.73 21.64
CA LYS A 602 -6.48 -1.73 22.86
C LYS A 602 -7.92 -1.27 22.58
N GLY A 603 -8.83 -1.68 23.47
CA GLY A 603 -10.26 -1.48 23.27
C GLY A 603 -10.76 -0.05 23.34
N THR A 604 -9.99 0.83 23.97
CA THR A 604 -10.39 2.25 24.08
C THR A 604 -10.37 2.99 22.74
N ARG A 605 -9.69 2.40 21.75
CA ARG A 605 -9.56 3.01 20.43
C ARG A 605 -10.80 2.76 19.58
N MET A 606 -11.95 3.27 20.05
CA MET A 606 -13.22 3.02 19.40
C MET A 606 -13.35 3.68 18.04
N ASP A 607 -12.54 4.72 17.80
CA ASP A 607 -12.53 5.40 16.50
C ASP A 607 -11.61 4.71 15.48
N SER A 608 -11.11 3.52 15.84
CA SER A 608 -10.25 2.71 14.98
C SER A 608 -8.88 3.36 14.72
N SER A 609 -8.45 4.21 15.64
CA SER A 609 -7.07 4.72 15.61
C SER A 609 -6.09 3.57 15.78
N ASN A 610 -4.85 3.81 15.36
CA ASN A 610 -3.80 2.80 15.44
C ASN A 610 -2.67 3.21 16.38
N TYR A 611 -2.02 2.20 16.96
CA TYR A 611 -0.78 2.40 17.71
C TYR A 611 0.41 2.35 16.75
N MET A 612 1.52 2.98 17.13
CA MET A 612 2.72 2.96 16.29
C MET A 612 3.39 1.59 16.38
N PRO A 613 3.61 0.94 15.22
CA PRO A 613 4.10 -0.44 15.20
C PRO A 613 5.58 -0.66 15.51
N GLN A 614 6.42 0.36 15.36
CA GLN A 614 7.88 0.16 15.41
C GLN A 614 8.36 -0.56 16.67
N MET A 615 7.85 -0.19 17.85
CA MET A 615 8.37 -0.78 19.09
C MET A 615 8.14 -2.30 19.13
N PHE A 616 7.09 -2.76 18.46
CA PHE A 616 6.79 -4.18 18.45
C PHE A 616 7.64 -4.92 17.42
N TRP A 617 7.81 -4.33 16.24
CA TRP A 617 8.77 -4.89 15.28
C TRP A 617 10.17 -4.95 15.86
N ASN A 618 10.54 -3.94 16.65
CA ASN A 618 11.85 -3.91 17.33
C ASN A 618 12.10 -5.11 18.25
N ALA A 619 11.01 -5.67 18.80
CA ALA A 619 11.10 -6.86 19.66
C ALA A 619 10.95 -8.16 18.89
N GLY A 620 10.86 -8.05 17.56
CA GLY A 620 10.75 -9.20 16.68
C GLY A 620 9.33 -9.72 16.48
N CYS A 621 8.34 -8.98 16.98
CA CYS A 621 6.94 -9.37 16.81
C CYS A 621 6.59 -9.38 15.33
N GLN A 622 5.90 -10.45 14.91
CA GLN A 622 5.71 -10.70 13.49
C GLN A 622 4.39 -10.14 12.98
N MET A 623 3.33 -10.30 13.77
CA MET A 623 2.00 -9.90 13.33
C MET A 623 1.52 -8.71 14.14
N VAL A 624 1.91 -7.52 13.69
CA VAL A 624 1.56 -6.29 14.38
C VAL A 624 0.32 -5.74 13.69
N ALA A 625 -0.83 -6.09 14.24
CA ALA A 625 -2.10 -5.92 13.55
C ALA A 625 -2.64 -4.50 13.70
N LEU A 626 -2.98 -3.90 12.55
CA LEU A 626 -3.45 -2.51 12.50
C LEU A 626 -4.81 -2.44 11.79
N ASN A 627 -5.55 -1.36 12.07
CA ASN A 627 -6.81 -1.10 11.39
C ASN A 627 -6.56 -0.52 10.00
N PHE A 628 -6.77 -1.33 8.96
CA PHE A 628 -6.47 -0.92 7.59
C PHE A 628 -7.40 0.18 7.06
N GLN A 629 -8.56 0.34 7.69
CA GLN A 629 -9.51 1.39 7.31
C GLN A 629 -9.09 2.79 7.80
N THR A 630 -8.03 2.85 8.61
CA THR A 630 -7.58 4.11 9.17
C THR A 630 -6.15 4.40 8.71
N MET A 631 -6.02 5.27 7.71
CA MET A 631 -4.71 5.56 7.15
C MET A 631 -3.98 6.66 7.93
N ASP A 632 -3.89 6.46 9.25
CA ASP A 632 -3.12 7.36 10.11
C ASP A 632 -1.64 6.98 10.03
N LEU A 633 -0.79 7.68 10.78
CA LEU A 633 0.66 7.47 10.66
C LEU A 633 1.10 6.00 10.76
N PRO A 634 0.59 5.23 11.76
CA PRO A 634 0.94 3.81 11.81
C PRO A 634 0.70 3.05 10.50
N MET A 635 -0.44 3.28 9.87
CA MET A 635 -0.75 2.60 8.61
C MET A 635 0.05 3.16 7.44
N GLN A 636 0.37 4.46 7.52
CA GLN A 636 1.23 5.08 6.52
C GLN A 636 2.59 4.39 6.50
N GLN A 637 3.12 4.12 7.69
CA GLN A 637 4.38 3.38 7.81
C GLN A 637 4.21 1.93 7.35
N ASN A 638 3.14 1.28 7.81
CA ASN A 638 2.89 -0.11 7.45
C ASN A 638 2.81 -0.32 5.93
N MET A 639 2.02 0.50 5.26
CA MET A 639 1.89 0.40 3.81
C MET A 639 3.26 0.60 3.14
N ALA A 640 4.00 1.58 3.64
CA ALA A 640 5.28 1.94 3.04
C ALA A 640 6.32 0.84 3.14
N VAL A 641 6.48 0.26 4.34
CA VAL A 641 7.54 -0.72 4.52
C VAL A 641 7.22 -2.05 3.85
N PHE A 642 5.93 -2.39 3.80
CA PHE A 642 5.50 -3.64 3.17
C PHE A 642 5.35 -3.56 1.65
N GLU A 643 5.61 -2.39 1.08
CA GLU A 643 5.68 -2.26 -0.38
C GLU A 643 6.88 -3.04 -0.90
N PHE A 644 7.93 -3.10 -0.09
CA PHE A 644 9.19 -3.74 -0.48
C PHE A 644 9.09 -5.26 -0.44
N ASN A 645 10.11 -5.94 -0.98
CA ASN A 645 10.06 -7.38 -1.16
C ASN A 645 8.81 -7.84 -1.93
N GLY A 646 8.52 -7.11 -3.01
CA GLY A 646 7.43 -7.48 -3.92
C GLY A 646 6.01 -7.29 -3.43
N GLN A 647 5.82 -6.53 -2.35
CA GLN A 647 4.54 -6.44 -1.64
C GLN A 647 4.00 -7.85 -1.32
N SER A 648 4.91 -8.73 -0.97
CA SER A 648 4.59 -10.12 -0.66
C SER A 648 3.89 -10.23 0.69
N GLY A 649 4.08 -9.21 1.53
CA GLY A 649 3.52 -9.21 2.88
C GLY A 649 4.46 -9.83 3.90
N TYR A 650 5.66 -10.20 3.45
CA TYR A 650 6.70 -10.79 4.30
C TYR A 650 7.99 -9.99 4.17
N LEU A 651 8.61 -9.68 5.31
CA LEU A 651 9.93 -9.06 5.34
C LEU A 651 10.84 -9.84 6.29
N LEU A 652 11.96 -10.33 5.79
CA LEU A 652 12.87 -11.09 6.64
C LEU A 652 13.41 -10.22 7.77
N LYS A 653 13.33 -10.73 9.00
CA LYS A 653 13.78 -9.98 10.16
C LYS A 653 15.31 -9.90 10.16
N HIS A 654 15.84 -8.93 10.91
CA HIS A 654 17.28 -8.80 11.09
C HIS A 654 17.89 -10.12 11.57
N GLU A 655 19.09 -10.40 11.08
CA GLU A 655 19.85 -11.60 11.47
C GLU A 655 19.84 -11.85 12.97
N PHE A 656 20.03 -10.79 13.77
CA PHE A 656 20.11 -10.95 15.22
C PHE A 656 18.74 -11.14 15.89
N MET A 657 17.66 -10.97 15.12
CA MET A 657 16.32 -11.35 15.55
C MET A 657 15.98 -12.76 15.08
N ARG A 658 16.95 -13.44 14.47
CA ARG A 658 16.73 -14.76 13.91
C ARG A 658 17.67 -15.82 14.50
N ARG A 659 18.98 -15.58 14.38
CA ARG A 659 19.98 -16.57 14.81
C ARG A 659 20.00 -16.74 16.33
N PRO A 660 20.06 -18.00 16.80
CA PRO A 660 19.97 -18.30 18.24
C PRO A 660 21.22 -17.97 19.05
N ASP A 661 22.35 -17.75 18.37
CA ASP A 661 23.64 -17.58 19.04
C ASP A 661 24.09 -16.13 19.23
N LYS A 662 23.19 -15.19 18.95
CA LYS A 662 23.46 -13.79 19.20
C LYS A 662 22.25 -13.19 19.89
N GLN A 663 22.40 -12.90 21.17
CA GLN A 663 21.31 -12.28 21.92
C GLN A 663 21.23 -10.78 21.60
N PHE A 664 20.00 -10.33 21.33
CA PHE A 664 19.75 -8.96 20.92
C PHE A 664 18.70 -8.29 21.81
N ASN A 665 18.99 -7.06 22.22
CA ASN A 665 18.08 -6.25 23.00
C ASN A 665 17.93 -4.90 22.30
N PRO A 666 16.74 -4.61 21.73
CA PRO A 666 16.59 -3.33 21.02
C PRO A 666 16.80 -2.09 21.89
N PHE A 667 16.67 -2.25 23.21
CA PHE A 667 16.91 -1.12 24.12
C PHE A 667 18.37 -0.99 24.54
N SER A 668 19.18 -1.98 24.19
CA SER A 668 20.55 -2.01 24.68
C SER A 668 21.47 -2.65 23.65
N VAL A 669 21.80 -1.87 22.62
CA VAL A 669 22.69 -2.35 21.57
C VAL A 669 24.12 -2.50 22.09
N ASP A 670 24.85 -3.43 21.50
CA ASP A 670 26.27 -3.60 21.81
C ASP A 670 27.14 -3.34 20.59
N ARG A 671 28.45 -3.51 20.75
CA ARG A 671 29.43 -3.26 19.68
C ARG A 671 29.12 -4.05 18.42
N ILE A 672 28.69 -5.28 18.61
CA ILE A 672 28.42 -6.19 17.49
C ILE A 672 27.17 -5.72 16.72
N ASP A 673 26.18 -5.21 17.44
CA ASP A 673 24.93 -4.77 16.82
C ASP A 673 25.14 -3.61 15.86
N VAL A 674 26.06 -2.71 16.19
CA VAL A 674 26.18 -1.42 15.49
C VAL A 674 27.25 -1.39 14.38
N VAL A 675 27.69 -2.58 13.96
CA VAL A 675 28.78 -2.69 12.98
C VAL A 675 28.54 -1.91 11.68
N VAL A 676 27.30 -1.85 11.22
CA VAL A 676 26.97 -1.14 9.97
C VAL A 676 26.12 0.13 10.20
N ALA A 677 26.28 0.73 11.38
CA ALA A 677 25.66 2.02 11.67
C ALA A 677 26.07 3.07 10.64
N THR A 678 25.17 4.02 10.40
CA THR A 678 25.41 5.06 9.40
C THR A 678 24.83 6.40 9.84
N THR A 679 25.37 7.48 9.29
CA THR A 679 24.84 8.81 9.51
C THR A 679 24.23 9.31 8.21
N LEU A 680 22.95 9.69 8.27
CA LEU A 680 22.20 10.15 7.10
C LEU A 680 21.95 11.65 7.16
N SER A 681 22.23 12.33 6.05
CA SER A 681 21.91 13.74 5.90
C SER A 681 20.93 13.92 4.75
N ILE A 682 19.85 14.64 5.01
CA ILE A 682 18.90 15.02 3.97
C ILE A 682 18.66 16.53 3.97
N THR A 683 18.90 17.14 2.81
CA THR A 683 18.61 18.55 2.63
C THR A 683 17.33 18.67 1.81
N VAL A 684 16.33 19.33 2.38
CA VAL A 684 15.10 19.62 1.65
C VAL A 684 15.33 20.94 0.94
N ILE A 685 15.45 20.89 -0.38
CA ILE A 685 15.82 22.07 -1.17
C ILE A 685 14.61 22.85 -1.66
N SER A 686 13.72 22.17 -2.38
CA SER A 686 12.60 22.83 -3.01
C SER A 686 11.47 21.84 -3.26
N GLY A 687 10.31 22.37 -3.65
CA GLY A 687 9.17 21.54 -3.99
C GLY A 687 8.50 22.07 -5.24
N GLN A 688 7.80 21.19 -5.95
CA GLN A 688 7.11 21.56 -7.17
C GLN A 688 5.66 21.08 -7.18
N PHE A 689 4.76 21.98 -7.56
CA PHE A 689 3.33 21.68 -7.70
C PHE A 689 2.78 20.95 -6.50
N LEU A 690 3.06 21.50 -5.33
CA LEU A 690 2.80 20.82 -4.05
C LEU A 690 1.34 20.77 -3.65
N SER A 691 0.59 21.79 -4.06
CA SER A 691 -0.83 21.89 -3.74
C SER A 691 -1.63 22.37 -4.95
N GLU A 692 -2.92 22.04 -4.96
CA GLU A 692 -3.82 22.53 -6.03
C GLU A 692 -4.19 23.99 -5.85
N ARG A 693 -3.78 24.58 -4.72
CA ARG A 693 -3.99 26.00 -4.49
C ARG A 693 -2.72 26.67 -3.97
N SER A 694 -2.72 27.99 -4.03
CA SER A 694 -1.61 28.77 -3.49
C SER A 694 -1.76 28.88 -1.97
N VAL A 695 -0.85 28.21 -1.27
CA VAL A 695 -0.83 28.17 0.19
C VAL A 695 0.62 27.93 0.61
N ARG A 696 1.01 28.43 1.78
CA ARG A 696 2.35 28.17 2.29
C ARG A 696 2.47 26.70 2.68
N THR A 697 3.66 26.15 2.49
CA THR A 697 3.94 24.74 2.73
C THR A 697 5.22 24.56 3.53
N TYR A 698 5.36 23.39 4.14
CA TYR A 698 6.60 23.01 4.81
C TYR A 698 6.79 21.51 4.75
N VAL A 699 7.98 21.04 5.10
CA VAL A 699 8.29 19.63 5.07
C VAL A 699 8.75 19.18 6.44
N GLU A 700 8.22 18.05 6.91
CA GLU A 700 8.59 17.44 8.17
C GLU A 700 9.39 16.16 7.90
N VAL A 701 10.48 15.98 8.62
CA VAL A 701 11.36 14.81 8.42
C VAL A 701 11.70 14.17 9.77
N GLU A 702 11.53 12.86 9.86
CA GLU A 702 11.87 12.13 11.08
C GLU A 702 12.24 10.70 10.74
N LEU A 703 12.80 10.00 11.73
CA LEU A 703 13.27 8.64 11.55
C LEU A 703 12.54 7.69 12.49
N PHE A 704 12.09 6.56 11.96
CA PHE A 704 11.57 5.47 12.78
C PHE A 704 12.64 4.41 12.91
N GLY A 705 12.84 3.90 14.12
CA GLY A 705 13.87 2.89 14.34
C GLY A 705 13.95 2.43 15.77
N LEU A 706 15.17 2.16 16.22
CA LEU A 706 15.41 1.68 17.57
C LEU A 706 15.26 2.79 18.61
N PRO A 707 15.03 2.42 19.89
CA PRO A 707 15.00 3.42 20.96
C PRO A 707 16.20 4.38 20.94
N GLY A 708 17.39 3.86 20.64
CA GLY A 708 18.62 4.65 20.63
C GLY A 708 18.88 5.40 19.34
N ASP A 709 18.03 5.21 18.33
CA ASP A 709 18.17 5.93 17.07
C ASP A 709 17.82 7.41 17.24
N PRO A 710 18.35 8.28 16.35
CA PRO A 710 18.11 9.73 16.46
C PRO A 710 16.61 10.08 16.48
N LYS A 711 16.20 10.83 17.49
CA LYS A 711 14.78 11.10 17.74
C LYS A 711 14.33 12.50 17.35
N ARG A 712 15.26 13.35 16.93
CA ARG A 712 14.90 14.70 16.53
C ARG A 712 13.98 14.68 15.32
N ARG A 713 12.92 15.48 15.40
CA ARG A 713 11.98 15.68 14.29
C ARG A 713 12.24 17.05 13.70
N TYR A 714 12.53 17.08 12.41
CA TYR A 714 12.87 18.33 11.74
C TYR A 714 11.68 18.88 10.96
N ARG A 715 11.59 20.21 10.91
CA ARG A 715 10.64 20.87 10.03
C ARG A 715 11.33 22.01 9.33
N THR A 716 11.11 22.13 8.02
CA THR A 716 11.53 23.33 7.31
C THR A 716 10.71 24.51 7.82
N LYS A 717 11.21 25.72 7.59
CA LYS A 717 10.41 26.91 7.75
C LYS A 717 9.25 26.83 6.75
N LEU A 718 8.22 27.63 6.95
CA LEU A 718 7.21 27.78 5.92
C LEU A 718 7.86 28.31 4.65
N SER A 719 7.31 27.91 3.51
CA SER A 719 7.77 28.42 2.20
C SER A 719 7.74 29.95 2.18
N PRO A 720 8.59 30.57 1.33
CA PRO A 720 8.68 32.03 1.29
C PRO A 720 7.35 32.76 1.11
N SER A 721 6.44 32.18 0.33
CA SER A 721 5.14 32.77 0.06
C SER A 721 4.11 31.68 -0.17
N THR A 722 2.91 32.08 -0.61
CA THR A 722 1.86 31.13 -0.93
C THR A 722 2.10 30.41 -2.26
N ASN A 723 3.21 30.76 -2.92
CA ASN A 723 3.67 30.05 -4.12
C ASN A 723 3.85 28.57 -3.82
N SER A 724 2.99 27.73 -4.40
CA SER A 724 3.07 26.27 -4.24
C SER A 724 3.55 25.59 -5.52
N ILE A 725 3.71 26.38 -6.59
CA ILE A 725 4.21 25.86 -7.85
C ILE A 725 5.69 25.49 -7.76
N ASN A 726 6.50 26.39 -7.21
CA ASN A 726 7.94 26.14 -7.05
C ASN A 726 8.59 26.78 -5.83
N PRO A 727 8.06 26.49 -4.62
CA PRO A 727 8.71 27.02 -3.43
C PRO A 727 10.13 26.50 -3.25
N VAL A 728 11.02 27.37 -2.81
CA VAL A 728 12.39 27.00 -2.50
C VAL A 728 12.67 27.39 -1.05
N TRP A 729 13.07 26.40 -0.25
CA TRP A 729 13.46 26.62 1.13
C TRP A 729 14.96 26.90 1.23
N LYS A 730 15.36 27.52 2.34
CA LYS A 730 16.78 27.79 2.59
C LYS A 730 17.18 27.08 3.87
N GLU A 731 17.37 25.77 3.76
CA GLU A 731 17.57 24.92 4.93
C GLU A 731 18.96 24.30 4.97
N GLU A 732 19.47 24.13 6.19
CA GLU A 732 20.66 23.32 6.42
C GLU A 732 20.27 21.84 6.31
N PRO A 733 21.24 20.95 6.05
CA PRO A 733 20.92 19.53 6.05
C PRO A 733 20.31 19.08 7.39
N PHE A 734 19.33 18.18 7.32
CA PHE A 734 18.79 17.54 8.49
C PHE A 734 19.63 16.28 8.71
N VAL A 735 20.30 16.21 9.85
CA VAL A 735 21.25 15.12 10.10
C VAL A 735 20.71 14.10 11.10
N PHE A 736 20.78 12.83 10.71
CA PHE A 736 20.42 11.72 11.58
C PHE A 736 21.69 10.93 11.89
N GLU A 737 22.27 11.28 13.04
CA GLU A 737 23.56 10.76 13.47
C GLU A 737 23.40 9.36 14.04
N LYS A 738 24.27 8.45 13.60
CA LYS A 738 24.31 7.08 14.09
C LYS A 738 22.93 6.41 14.12
N ILE A 739 22.39 6.18 12.93
CA ILE A 739 21.30 5.22 12.76
C ILE A 739 21.98 3.88 13.01
N LEU A 740 21.55 3.18 14.06
CA LEU A 740 22.33 2.09 14.64
C LEU A 740 22.34 0.81 13.81
N MET A 741 21.15 0.42 13.34
CA MET A 741 20.96 -0.79 12.57
C MET A 741 20.00 -0.42 11.43
N PRO A 742 20.54 0.17 10.35
CA PRO A 742 19.75 0.79 9.29
C PRO A 742 18.65 -0.10 8.69
N GLU A 743 18.87 -1.41 8.68
CA GLU A 743 17.89 -2.35 8.19
C GLU A 743 16.53 -2.22 8.90
N LEU A 744 16.55 -1.80 10.16
CA LEU A 744 15.33 -1.69 10.97
C LEU A 744 14.70 -0.30 10.92
N ALA A 745 15.38 0.65 10.27
CA ALA A 745 14.98 2.05 10.30
C ALA A 745 14.32 2.51 9.00
N SER A 746 13.48 3.53 9.10
CA SER A 746 12.83 4.13 7.94
C SER A 746 12.80 5.64 8.10
N LEU A 747 12.96 6.34 6.97
CA LEU A 747 12.92 7.79 6.96
C LEU A 747 11.58 8.30 6.47
N ARG A 748 10.97 9.19 7.24
CA ARG A 748 9.71 9.81 6.85
C ARG A 748 9.96 11.22 6.36
N VAL A 749 9.44 11.52 5.17
CA VAL A 749 9.48 12.87 4.61
C VAL A 749 8.04 13.23 4.24
N ALA A 750 7.47 14.21 4.94
CA ALA A 750 6.05 14.54 4.76
C ALA A 750 5.87 16.01 4.44
N VAL A 751 5.09 16.29 3.40
CA VAL A 751 4.85 17.65 2.94
C VAL A 751 3.46 18.08 3.37
N MET A 752 3.39 19.28 3.96
CA MET A 752 2.17 19.80 4.58
C MET A 752 1.86 21.19 4.10
N GLU A 753 0.57 21.53 4.09
CA GLU A 753 0.14 22.93 4.00
C GLU A 753 0.24 23.55 5.38
N GLU A 754 0.41 24.87 5.42
CA GLU A 754 0.31 25.63 6.66
C GLU A 754 -0.95 25.18 7.42
N GLY A 755 -0.78 24.88 8.70
CA GLY A 755 -1.86 24.30 9.52
C GLY A 755 -1.71 22.81 9.74
N ASN A 756 -0.75 22.20 9.04
CA ASN A 756 -0.42 20.77 9.12
C ASN A 756 -1.42 19.87 8.38
N LYS A 757 -1.84 20.31 7.19
CA LYS A 757 -2.70 19.51 6.31
C LYS A 757 -1.84 18.71 5.34
N PHE A 758 -2.04 17.39 5.33
CA PHE A 758 -1.26 16.46 4.54
C PHE A 758 -1.38 16.71 3.04
N LEU A 759 -0.23 16.80 2.37
CA LEU A 759 -0.17 16.90 0.91
C LEU A 759 0.39 15.64 0.26
N GLY A 760 1.44 15.09 0.83
CA GLY A 760 2.08 13.91 0.27
C GLY A 760 3.24 13.52 1.16
N HIS A 761 3.70 12.28 1.00
CA HIS A 761 4.79 11.80 1.83
C HIS A 761 5.53 10.65 1.19
N ARG A 762 6.68 10.33 1.77
CA ARG A 762 7.34 9.06 1.56
C ARG A 762 7.88 8.56 2.89
N ILE A 763 7.78 7.25 3.10
CA ILE A 763 8.47 6.59 4.20
C ILE A 763 9.33 5.51 3.54
N ILE A 764 10.64 5.60 3.74
CA ILE A 764 11.57 4.76 2.99
C ILE A 764 12.57 4.07 3.91
N PRO A 765 12.63 2.71 3.86
CA PRO A 765 13.66 1.99 4.60
C PRO A 765 15.04 2.54 4.25
N ILE A 766 15.87 2.74 5.27
CA ILE A 766 17.16 3.41 5.09
C ILE A 766 18.02 2.71 4.04
N ASN A 767 18.01 1.38 4.04
CA ASN A 767 18.82 0.60 3.10
C ASN A 767 18.36 0.64 1.65
N ALA A 768 17.21 1.27 1.39
CA ALA A 768 16.70 1.39 0.04
C ALA A 768 17.02 2.76 -0.59
N LEU A 769 17.61 3.65 0.20
CA LEU A 769 17.88 5.01 -0.27
C LEU A 769 19.17 5.10 -1.08
N ASN A 770 19.10 5.84 -2.17
CA ASN A 770 20.29 6.22 -2.95
C ASN A 770 20.77 7.61 -2.53
N SER A 771 22.06 7.84 -2.66
CA SER A 771 22.62 9.15 -2.33
C SER A 771 22.50 10.11 -3.52
N GLY A 772 22.67 11.40 -3.24
CA GLY A 772 22.70 12.42 -4.28
C GLY A 772 21.48 13.32 -4.36
N TYR A 773 21.43 14.11 -5.44
CA TYR A 773 20.29 14.97 -5.74
C TYR A 773 19.19 14.14 -6.35
N HIS A 774 17.99 14.25 -5.78
CA HIS A 774 16.86 13.47 -6.26
C HIS A 774 15.58 14.26 -6.28
N HIS A 775 14.70 13.88 -7.20
CA HIS A 775 13.31 14.33 -7.18
C HIS A 775 12.47 13.24 -6.54
N LEU A 776 12.04 13.52 -5.32
CA LEU A 776 11.26 12.61 -4.51
C LEU A 776 9.79 12.76 -4.89
N CYS A 777 9.27 11.79 -5.62
CA CYS A 777 7.85 11.76 -5.96
C CYS A 777 7.07 11.38 -4.71
N LEU A 778 5.95 12.07 -4.49
CA LEU A 778 5.23 11.92 -3.22
C LEU A 778 4.06 10.96 -3.33
N HIS A 779 3.75 10.28 -2.22
CA HIS A 779 2.64 9.34 -2.18
C HIS A 779 1.55 9.83 -1.24
N SER A 780 0.35 9.28 -1.42
CA SER A 780 -0.77 9.56 -0.54
C SER A 780 -0.60 8.84 0.79
N GLU A 781 -1.53 9.05 1.71
CA GLU A 781 -1.50 8.39 3.01
C GLU A 781 -1.48 6.86 2.87
N SER A 782 -2.18 6.36 1.86
CA SER A 782 -2.22 4.91 1.62
C SER A 782 -1.10 4.43 0.68
N ASN A 783 -0.11 5.29 0.47
CA ASN A 783 1.12 4.99 -0.28
C ASN A 783 0.92 4.90 -1.79
N MET A 784 -0.17 5.49 -2.28
CA MET A 784 -0.44 5.53 -3.72
C MET A 784 0.29 6.70 -4.36
N PRO A 785 0.83 6.51 -5.58
CA PRO A 785 1.65 7.57 -6.17
C PRO A 785 0.82 8.76 -6.63
N LEU A 786 1.25 9.95 -6.23
CA LEU A 786 0.63 11.21 -6.66
C LEU A 786 1.38 11.76 -7.85
N THR A 787 0.64 12.29 -8.81
CA THR A 787 1.23 12.75 -10.06
C THR A 787 1.90 14.12 -9.93
N MET A 788 1.19 15.08 -9.33
CA MET A 788 1.64 16.48 -9.34
C MET A 788 2.81 16.85 -8.44
N PRO A 789 2.72 16.55 -7.12
CA PRO A 789 3.71 17.11 -6.19
C PRO A 789 5.02 16.31 -6.09
N ALA A 790 6.13 17.03 -6.03
CA ALA A 790 7.43 16.40 -5.80
C ALA A 790 8.34 17.31 -5.00
N LEU A 791 9.33 16.72 -4.33
CA LEU A 791 10.36 17.47 -3.65
C LEU A 791 11.69 17.27 -4.35
N PHE A 792 12.54 18.28 -4.29
CA PHE A 792 13.92 18.17 -4.71
C PHE A 792 14.79 18.17 -3.45
N ILE A 793 15.58 17.11 -3.30
CA ILE A 793 16.35 16.89 -2.08
C ILE A 793 17.79 16.48 -2.39
N PHE A 794 18.66 16.59 -1.37
CA PHE A 794 20.00 16.03 -1.45
C PHE A 794 20.24 15.06 -0.31
N LEU A 795 20.63 13.83 -0.65
CA LEU A 795 20.89 12.77 0.32
C LEU A 795 22.37 12.43 0.40
N GLU A 796 22.87 12.27 1.62
CA GLU A 796 24.26 11.88 1.85
C GLU A 796 24.34 10.92 3.02
N MET A 797 25.11 9.85 2.86
CA MET A 797 25.30 8.87 3.93
C MET A 797 26.78 8.64 4.17
N LYS A 798 27.16 8.52 5.44
CA LYS A 798 28.56 8.27 5.81
C LYS A 798 28.69 7.26 6.96
N ASP A 799 29.82 6.56 6.98
CA ASP A 799 30.09 5.53 8.00
C ASP A 799 30.25 6.10 9.40
#